data_9KMB
#
_entry.id   9KMB
#
_cell.length_a   106.575
_cell.length_b   147.170
_cell.length_c   160.330
_cell.angle_alpha   90.00
_cell.angle_beta   90.00
_cell.angle_gamma   90.00
#
_symmetry.space_group_name_H-M   'C 2 2 21'
#
loop_
_entity.id
_entity.type
_entity.pdbx_description
1 polymer 'Glutaminyl-peptide cyclotransferase'
2 non-polymer 'ZINC ION'
3 non-polymer ~{N}-[2-(1~{H}-imidazol-5-yl)ethyl]-4-methoxy-benzenesulfonamide
4 water water
#
_entity_poly.entity_id   1
_entity_poly.type   'polypeptide(L)'
_entity_poly.pdbx_seq_one_letter_code
;ASAWPEEKNYHQPAILNSSALRQIAEGTSISEMWQNDLQPLLIERYPGSPGSYAARQHIMQRIQRLQADWVLEIDTFLSQ
TPYGYRSFSNIISTLNPTAKRHLVLACHYDSKYFSHWNNRVFVGATDSAVPCAMMLELARALDKKLLSLKTVSDSKPDLS
LQLIFFDGEEAFLHWSPQDSLYGSRHLAAKMASTPHPPGARGTSQLHGMDLLVLLDLIGAPNPTFPNFFPNSARWFERLQ
AIEHELHELGLLKDHSLEGRYFQNYSYGGVIQDDHIPFLRRGVPVLHLIPSPFPEVWHTMDDNEENLDESTIDNLNKILQ
VFVLEYLHL
;
_entity_poly.pdbx_strand_id   A,B,C
#
# COMPACT_ATOMS: atom_id res chain seq x y z
N ALA A 1 1.10 34.19 0.39
CA ALA A 1 1.47 34.05 1.79
C ALA A 1 2.83 34.71 2.02
N SER A 2 3.54 34.26 3.05
CA SER A 2 4.91 34.69 3.28
C SER A 2 5.86 33.71 2.61
N ALA A 3 7.15 33.87 2.86
CA ALA A 3 8.13 32.99 2.27
C ALA A 3 8.66 31.95 3.25
N TRP A 4 8.61 32.20 4.54
CA TRP A 4 9.27 31.32 5.48
C TRP A 4 8.81 29.87 5.40
N PRO A 5 7.58 29.54 5.00
CA PRO A 5 7.22 28.12 4.97
C PRO A 5 8.05 27.33 3.97
N GLU A 6 8.87 27.99 3.15
CA GLU A 6 9.77 27.30 2.25
C GLU A 6 11.10 26.92 2.90
N GLU A 7 11.46 27.56 4.01
CA GLU A 7 12.79 27.35 4.58
C GLU A 7 13.08 25.87 4.80
N LYS A 8 12.12 25.12 5.32
CA LYS A 8 12.38 23.73 5.63
C LYS A 8 12.85 22.97 4.41
N ASN A 9 12.57 23.47 3.23
CA ASN A 9 12.99 22.78 2.02
C ASN A 9 14.49 22.83 1.82
N TYR A 10 15.14 23.91 2.21
CA TYR A 10 16.55 24.14 1.94
C TYR A 10 17.40 23.94 3.15
N HIS A 11 16.82 23.56 4.26
CA HIS A 11 17.58 23.50 5.50
C HIS A 11 18.55 22.34 5.46
N GLN A 12 19.72 22.53 6.05
CA GLN A 12 20.84 21.60 5.97
C GLN A 12 21.39 21.40 7.37
N PRO A 13 21.93 20.24 7.67
CA PRO A 13 22.40 20.00 9.03
C PRO A 13 23.81 20.52 9.20
N ALA A 14 24.27 20.55 10.43
CA ALA A 14 25.64 20.92 10.74
C ALA A 14 26.27 19.70 11.37
N ILE A 15 27.06 18.99 10.57
CA ILE A 15 27.51 17.66 10.97
C ILE A 15 28.53 17.75 12.08
N LEU A 16 28.44 16.82 13.01
CA LEU A 16 29.37 16.81 14.11
C LEU A 16 30.65 16.11 13.70
N ASN A 17 31.72 16.43 14.39
CA ASN A 17 32.99 15.80 14.12
C ASN A 17 33.21 14.76 15.18
N SER A 18 34.39 14.15 15.14
CA SER A 18 34.65 12.93 15.88
C SER A 18 34.83 13.18 17.36
N SER A 19 35.49 14.28 17.73
CA SER A 19 35.57 14.65 19.14
C SER A 19 34.19 14.83 19.74
N ALA A 20 33.30 15.47 18.98
CA ALA A 20 31.95 15.66 19.49
C ALA A 20 31.25 14.33 19.69
N LEU A 21 31.40 13.40 18.74
CA LEU A 21 30.57 12.19 18.76
C LEU A 21 30.82 11.35 20.01
N ARG A 22 32.06 11.31 20.49
CA ARG A 22 32.33 10.54 21.70
C ARG A 22 31.75 11.21 22.92
N GLN A 23 31.65 12.52 22.87
CA GLN A 23 31.04 13.25 23.97
C GLN A 23 29.56 12.87 24.09
N ILE A 24 28.84 12.92 22.99
CA ILE A 24 27.42 12.57 23.02
C ILE A 24 27.25 11.12 23.47
N ALA A 25 28.05 10.23 22.90
CA ALA A 25 27.92 8.80 23.21
C ALA A 25 28.17 8.52 24.67
N GLU A 26 28.99 9.34 25.32
CA GLU A 26 29.18 9.15 26.75
C GLU A 26 28.18 9.92 27.57
N GLY A 27 27.50 10.90 26.99
CA GLY A 27 26.57 11.72 27.73
C GLY A 27 25.22 11.12 28.07
N THR A 28 24.85 9.99 27.50
CA THR A 28 23.56 9.39 27.82
C THR A 28 23.76 8.17 28.70
N SER A 29 22.77 7.84 29.52
CA SER A 29 22.85 6.77 30.51
C SER A 29 21.59 5.93 30.39
N ILE A 30 21.77 4.63 30.09
CA ILE A 30 20.65 3.72 29.89
C ILE A 30 20.06 3.31 31.21
N SER A 31 20.87 3.24 32.25
CA SER A 31 20.37 2.77 33.54
C SER A 31 19.58 3.86 34.23
N GLU A 32 19.86 5.11 33.94
CA GLU A 32 19.08 6.18 34.54
C GLU A 32 17.71 6.24 33.86
N MET A 33 17.65 6.21 32.54
CA MET A 33 16.37 6.09 31.86
C MET A 33 15.61 4.89 32.38
N TRP A 34 16.29 3.75 32.51
CA TRP A 34 15.59 2.52 32.83
C TRP A 34 14.85 2.62 34.15
N GLN A 35 15.53 3.06 35.19
CA GLN A 35 14.93 3.00 36.52
C GLN A 35 14.05 4.22 36.81
N ASN A 36 14.34 5.37 36.24
CA ASN A 36 13.65 6.61 36.60
C ASN A 36 12.65 7.11 35.58
N ASP A 37 12.83 6.85 34.29
CA ASP A 37 11.82 7.18 33.31
C ASP A 37 10.95 6.00 32.89
N LEU A 38 11.48 4.77 32.79
CA LEU A 38 10.77 3.69 32.13
C LEU A 38 9.94 2.87 33.08
N GLN A 39 10.52 2.39 34.17
CA GLN A 39 9.76 1.49 35.03
C GLN A 39 8.47 2.13 35.53
N PRO A 40 8.42 3.40 35.91
CA PRO A 40 7.14 3.96 36.33
C PRO A 40 6.06 3.94 35.27
N LEU A 41 6.39 3.81 33.98
CA LEU A 41 5.38 3.78 32.95
C LEU A 41 4.94 2.40 32.55
N LEU A 42 5.35 1.38 33.27
CA LEU A 42 4.91 0.02 32.93
C LEU A 42 3.68 -0.35 33.75
N ILE A 43 2.56 0.30 33.42
CA ILE A 43 1.29 0.12 34.11
C ILE A 43 0.15 0.18 33.11
N GLU A 44 -0.98 -0.36 33.53
CA GLU A 44 -2.24 -0.23 32.80
C GLU A 44 -2.56 1.24 32.69
N ARG A 45 -2.72 1.75 31.47
CA ARG A 45 -2.83 3.18 31.33
C ARG A 45 -3.73 3.52 30.14
N TYR A 46 -4.85 2.84 30.04
CA TYR A 46 -5.76 3.14 28.96
C TYR A 46 -6.62 4.36 29.31
N PRO A 47 -7.23 4.97 28.33
CA PRO A 47 -7.85 6.29 28.56
C PRO A 47 -9.01 6.23 29.52
N GLY A 48 -9.05 7.22 30.41
CA GLY A 48 -10.09 7.29 31.41
C GLY A 48 -9.71 6.73 32.74
N SER A 49 -8.60 6.03 32.82
CA SER A 49 -8.25 5.19 33.94
C SER A 49 -7.30 5.91 34.89
N PRO A 50 -7.14 5.39 36.10
CA PRO A 50 -6.21 6.00 37.04
C PRO A 50 -4.78 5.92 36.59
N GLY A 51 -4.43 4.86 35.85
CA GLY A 51 -3.10 4.75 35.33
C GLY A 51 -2.80 5.77 34.27
N SER A 52 -3.80 6.10 33.47
CA SER A 52 -3.73 7.24 32.55
C SER A 52 -3.31 8.52 33.28
N TYR A 53 -3.82 8.71 34.47
CA TYR A 53 -3.58 9.96 35.18
C TYR A 53 -2.20 9.94 35.80
N ALA A 54 -1.83 8.81 36.39
CA ALA A 54 -0.47 8.66 36.92
C ALA A 54 0.57 8.90 35.85
N ALA A 55 0.41 8.28 34.70
CA ALA A 55 1.36 8.46 33.62
C ALA A 55 1.52 9.91 33.24
N ARG A 56 0.42 10.60 33.05
CA ARG A 56 0.44 12.02 32.74
C ARG A 56 1.22 12.82 33.77
N GLN A 57 0.96 12.58 35.05
CA GLN A 57 1.74 13.19 36.10
C GLN A 57 3.22 12.90 35.96
N HIS A 58 3.56 11.65 35.66
CA HIS A 58 4.96 11.23 35.61
C HIS A 58 5.71 11.98 34.51
N ILE A 59 5.11 12.09 33.34
CA ILE A 59 5.76 12.76 32.20
C ILE A 59 5.94 14.25 32.47
N MET A 60 4.91 14.88 33.00
CA MET A 60 4.98 16.29 33.33
C MET A 60 6.04 16.60 34.40
N GLN A 61 5.99 15.90 35.54
CA GLN A 61 6.97 16.03 36.60
C GLN A 61 8.40 16.02 36.11
N ARG A 62 8.74 15.01 35.31
CA ARG A 62 10.12 14.80 34.94
C ARG A 62 10.62 15.93 34.05
N ILE A 63 9.79 16.38 33.11
CA ILE A 63 10.21 17.54 32.32
C ILE A 63 10.33 18.79 33.20
N GLN A 64 9.44 18.96 34.18
CA GLN A 64 9.47 20.16 35.02
C GLN A 64 10.80 20.35 35.75
N ARG A 65 11.48 19.25 36.11
CA ARG A 65 12.74 19.32 36.85
C ARG A 65 13.89 19.90 36.06
N LEU A 66 13.77 20.05 34.75
CA LEU A 66 14.90 20.40 33.92
C LEU A 66 15.08 21.91 33.76
N GLN A 67 16.31 22.29 33.46
CA GLN A 67 16.68 23.69 33.40
C GLN A 67 16.02 24.39 32.22
N ALA A 68 16.16 23.85 31.04
CA ALA A 68 15.62 24.51 29.87
C ALA A 68 14.18 24.92 30.12
N ASP A 69 13.69 25.88 29.36
CA ASP A 69 12.45 26.57 29.67
C ASP A 69 11.29 26.01 28.83
N TRP A 70 10.97 24.76 29.13
CA TRP A 70 9.88 24.10 28.47
C TRP A 70 8.53 24.71 28.87
N VAL A 71 7.67 24.94 27.90
CA VAL A 71 6.31 25.36 28.14
C VAL A 71 5.37 24.19 27.96
N LEU A 72 4.70 23.81 29.03
CA LEU A 72 3.82 22.66 29.06
C LEU A 72 2.36 23.04 28.88
N GLU A 73 1.63 22.32 28.01
CA GLU A 73 0.18 22.44 27.85
C GLU A 73 -0.49 21.08 27.81
N ILE A 74 -1.56 20.96 28.56
CA ILE A 74 -2.48 19.84 28.49
C ILE A 74 -3.65 20.21 27.62
N ASP A 75 -3.86 19.45 26.55
CA ASP A 75 -4.88 19.73 25.55
C ASP A 75 -5.96 18.68 25.73
N THR A 76 -6.95 18.99 26.56
CA THR A 76 -8.02 18.08 26.94
C THR A 76 -9.27 18.28 26.10
N PHE A 77 -9.87 17.20 25.65
CA PHE A 77 -10.97 17.31 24.72
C PHE A 77 -11.92 16.14 24.91
N LEU A 78 -12.99 16.15 24.15
CA LEU A 78 -14.08 15.20 24.32
C LEU A 78 -14.39 14.52 22.98
N SER A 79 -14.87 13.28 23.03
CA SER A 79 -14.99 12.50 21.80
C SER A 79 -15.83 11.25 21.97
N GLN A 80 -16.68 10.99 20.99
CA GLN A 80 -17.47 9.78 20.98
C GLN A 80 -16.61 8.55 20.75
N THR A 81 -17.05 7.42 21.30
CA THR A 81 -16.30 6.19 21.27
C THR A 81 -17.27 5.02 21.31
N PRO A 82 -16.80 3.81 21.01
CA PRO A 82 -17.67 2.63 21.07
C PRO A 82 -18.25 2.33 22.43
N TYR A 83 -17.72 2.92 23.49
CA TYR A 83 -18.29 2.76 24.81
C TYR A 83 -18.99 4.05 25.28
N GLY A 84 -19.25 4.98 24.37
CA GLY A 84 -19.83 6.27 24.71
C GLY A 84 -18.81 7.37 24.71
N TYR A 85 -19.22 8.51 25.26
CA TYR A 85 -18.42 9.72 25.23
C TYR A 85 -17.30 9.65 26.27
N ARG A 86 -16.19 10.34 25.99
CA ARG A 86 -15.02 10.23 26.86
C ARG A 86 -14.12 11.46 26.76
N SER A 87 -13.29 11.61 27.77
CA SER A 87 -12.33 12.69 27.86
C SER A 87 -10.91 12.18 27.63
N PHE A 88 -10.16 12.88 26.82
CA PHE A 88 -8.79 12.56 26.45
C PHE A 88 -7.87 13.74 26.76
N SER A 89 -6.57 13.50 26.95
CA SER A 89 -5.61 14.60 27.11
C SER A 89 -4.24 14.41 26.46
N ASN A 90 -3.95 15.13 25.39
CA ASN A 90 -2.60 15.22 24.81
C ASN A 90 -1.64 16.06 25.67
N ILE A 91 -0.35 15.76 25.60
CA ILE A 91 0.70 16.46 26.34
C ILE A 91 1.64 17.11 25.35
N ILE A 92 1.82 18.43 25.46
CA ILE A 92 2.65 19.19 24.53
C ILE A 92 3.70 19.99 25.31
N SER A 93 4.94 19.96 24.85
CA SER A 93 6.10 20.48 25.57
C SER A 93 6.98 21.24 24.60
N THR A 94 6.99 22.57 24.69
CA THR A 94 7.57 23.43 23.67
C THR A 94 8.66 24.33 24.21
N LEU A 95 9.76 24.44 23.49
CA LEU A 95 10.76 25.47 23.73
C LEU A 95 10.56 26.59 22.72
N ASN A 96 10.50 27.83 23.22
CA ASN A 96 10.37 29.02 22.40
C ASN A 96 9.13 28.95 21.54
N PRO A 97 7.96 28.92 22.16
CA PRO A 97 6.72 28.84 21.40
C PRO A 97 6.60 29.92 20.36
N THR A 98 7.28 31.03 20.50
CA THR A 98 7.14 32.08 19.50
C THR A 98 7.87 31.80 18.20
N ALA A 99 9.00 31.11 18.25
CA ALA A 99 9.78 30.77 17.06
C ALA A 99 8.83 30.22 16.03
N LYS A 100 9.06 30.50 14.78
CA LYS A 100 8.15 30.09 13.76
C LYS A 100 8.29 28.69 13.30
N ARG A 101 9.44 28.09 13.53
CA ARG A 101 9.76 26.77 13.00
C ARG A 101 10.13 25.86 14.16
N HIS A 102 9.56 24.68 14.19
CA HIS A 102 9.93 23.70 15.20
C HIS A 102 10.20 22.36 14.53
N LEU A 103 11.16 21.62 15.09
CA LEU A 103 11.37 20.19 14.84
C LEU A 103 10.64 19.44 15.91
N VAL A 104 9.90 18.41 15.51
CA VAL A 104 8.95 17.72 16.39
C VAL A 104 9.28 16.24 16.58
N LEU A 105 9.38 15.80 17.82
CA LEU A 105 9.48 14.40 18.20
C LEU A 105 8.19 13.97 18.86
N ALA A 106 7.68 12.77 18.52
CA ALA A 106 6.38 12.33 18.99
C ALA A 106 6.32 10.83 19.26
N CYS A 107 5.36 10.47 20.12
CA CYS A 107 4.95 9.09 20.36
C CYS A 107 3.57 9.08 21.02
N HIS A 108 3.06 7.88 21.38
CA HIS A 108 1.75 7.75 22.04
C HIS A 108 1.96 7.18 23.43
N TYR A 109 1.18 7.67 24.43
CA TYR A 109 1.44 7.33 25.83
C TYR A 109 0.32 6.55 26.46
N ASP A 110 -0.76 6.29 25.76
CA ASP A 110 -1.78 5.33 26.19
C ASP A 110 -1.37 3.88 25.91
N SER A 111 -2.07 2.96 26.57
CA SER A 111 -1.98 1.51 26.33
C SER A 111 -3.31 0.92 25.94
N LYS A 112 -3.29 -0.09 25.10
CA LYS A 112 -4.52 -0.74 24.64
C LYS A 112 -5.30 -1.40 25.78
N TYR A 113 -6.63 -1.32 25.70
CA TYR A 113 -7.48 -1.92 26.71
C TYR A 113 -7.66 -3.41 26.46
N PHE A 114 -7.45 -4.22 27.48
CA PHE A 114 -7.76 -5.64 27.45
C PHE A 114 -8.34 -6.04 28.79
N SER A 115 -9.19 -7.05 28.80
CA SER A 115 -9.52 -7.66 30.06
C SER A 115 -8.32 -8.44 30.56
N HIS A 116 -8.27 -8.67 31.87
CA HIS A 116 -7.20 -9.48 32.42
C HIS A 116 -7.39 -10.94 32.00
N TRP A 117 -6.37 -11.50 31.38
CA TRP A 117 -6.36 -12.92 31.08
C TRP A 117 -5.42 -13.61 32.05
N ASN A 118 -5.91 -14.70 32.67
CA ASN A 118 -5.24 -15.46 33.74
C ASN A 118 -4.34 -14.61 34.62
N ASN A 119 -4.81 -13.47 35.07
CA ASN A 119 -4.14 -12.66 36.07
C ASN A 119 -3.00 -11.85 35.47
N ARG A 120 -2.92 -11.76 34.16
CA ARG A 120 -1.92 -10.95 33.49
C ARG A 120 -2.51 -9.63 33.01
N VAL A 121 -1.66 -8.62 32.89
CA VAL A 121 -2.06 -7.27 32.47
C VAL A 121 -1.19 -6.80 31.31
N PHE A 122 -1.82 -6.18 30.31
CA PHE A 122 -1.12 -5.61 29.16
C PHE A 122 -0.53 -4.26 29.52
N VAL A 123 0.78 -4.08 29.31
CA VAL A 123 1.40 -2.83 29.72
C VAL A 123 2.18 -2.18 28.60
N GLY A 124 2.28 -2.83 27.44
CA GLY A 124 2.78 -2.18 26.25
C GLY A 124 4.18 -1.58 26.33
N ALA A 125 5.13 -2.45 26.56
CA ALA A 125 6.50 -2.06 26.80
C ALA A 125 7.14 -1.40 25.58
N THR A 126 7.14 -2.09 24.43
CA THR A 126 7.50 -1.47 23.17
C THR A 126 6.42 -0.49 22.68
N ASP A 127 5.20 -0.61 23.15
CA ASP A 127 4.05 0.00 22.50
C ASP A 127 3.23 0.88 23.45
N SER A 128 3.68 2.09 23.79
CA SER A 128 4.95 2.71 23.45
C SER A 128 5.65 3.37 24.64
N ALA A 129 5.73 2.62 25.73
CA ALA A 129 6.46 3.06 26.91
C ALA A 129 7.95 3.30 26.65
N VAL A 130 8.64 2.42 25.91
CA VAL A 130 10.04 2.69 25.59
C VAL A 130 10.20 3.99 24.82
N PRO A 131 9.54 4.20 23.68
CA PRO A 131 9.59 5.52 23.01
C PRO A 131 9.35 6.74 23.91
N CYS A 132 8.50 6.64 24.94
CA CYS A 132 8.25 7.71 25.90
C CYS A 132 9.49 7.99 26.73
N ALA A 133 10.10 6.94 27.26
CA ALA A 133 11.34 7.06 27.99
C ALA A 133 12.52 7.49 27.14
N MET A 134 12.51 7.22 25.84
CA MET A 134 13.63 7.75 25.07
C MET A 134 13.51 9.25 24.90
N MET A 135 12.29 9.77 24.90
CA MET A 135 12.11 11.19 24.66
C MET A 135 12.45 11.96 25.95
N LEU A 136 12.08 11.41 27.10
CA LEU A 136 12.48 11.97 28.38
C LEU A 136 14.00 11.90 28.61
N GLU A 137 14.64 10.80 28.25
CA GLU A 137 16.09 10.72 28.40
C GLU A 137 16.82 11.71 27.48
N LEU A 138 16.44 11.80 26.22
CA LEU A 138 17.09 12.80 25.36
C LEU A 138 16.98 14.22 25.95
N ALA A 139 15.84 14.56 26.58
CA ALA A 139 15.70 15.89 27.18
C ALA A 139 16.69 16.11 28.31
N ARG A 140 16.88 15.10 29.15
CA ARG A 140 17.91 15.19 30.18
C ARG A 140 19.27 15.34 29.56
N ALA A 141 19.61 14.45 28.64
CA ALA A 141 20.98 14.33 28.17
C ALA A 141 21.44 15.54 27.40
N LEU A 142 20.52 16.27 26.77
CA LEU A 142 20.91 17.43 25.99
C LEU A 142 20.56 18.76 26.67
N ASP A 143 20.21 18.75 27.96
CA ASP A 143 19.58 19.92 28.59
C ASP A 143 20.47 21.15 28.50
N LYS A 144 21.72 21.02 28.90
CA LYS A 144 22.65 22.14 28.90
C LYS A 144 22.80 22.75 27.52
N LYS A 145 22.82 21.95 26.48
CA LYS A 145 22.92 22.52 25.14
C LYS A 145 21.60 23.10 24.67
N LEU A 146 20.50 22.73 25.28
CA LEU A 146 19.23 23.24 24.79
C LEU A 146 18.98 24.64 25.29
N LEU A 147 19.50 24.96 26.46
CA LEU A 147 19.58 26.32 26.99
C LEU A 147 20.00 27.35 25.95
N SER A 148 20.85 26.94 25.02
CA SER A 148 21.39 27.88 24.06
C SER A 148 20.33 28.51 23.17
N LEU A 149 19.12 27.96 23.13
CA LEU A 149 18.11 28.43 22.19
C LEU A 149 17.43 29.74 22.61
N LYS A 150 17.65 30.18 23.85
CA LYS A 150 17.26 31.49 24.41
C LYS A 150 16.28 31.27 25.53
N PRO A 157 18.45 31.89 12.12
CA PRO A 157 17.68 30.64 12.05
C PRO A 157 16.71 30.48 13.21
N ASP A 158 15.44 30.83 12.98
CA ASP A 158 14.43 30.93 14.04
C ASP A 158 13.75 29.57 14.19
N LEU A 159 14.45 28.64 14.81
CA LEU A 159 14.03 27.24 14.81
C LEU A 159 14.34 26.60 16.16
N SER A 160 13.31 26.04 16.80
CA SER A 160 13.49 25.33 18.05
C SER A 160 12.92 23.90 18.00
N LEU A 161 12.61 23.34 19.16
CA LEU A 161 12.30 21.92 19.34
C LEU A 161 10.98 21.79 20.09
N GLN A 162 10.26 20.68 19.88
CA GLN A 162 8.96 20.43 20.49
C GLN A 162 8.70 18.92 20.62
N LEU A 163 8.01 18.54 21.70
CA LEU A 163 7.63 17.15 22.02
C LEU A 163 6.11 16.99 22.13
N ILE A 164 5.60 15.85 21.65
CA ILE A 164 4.17 15.54 21.76
C ILE A 164 3.98 14.09 22.21
N PHE A 165 3.36 13.90 23.34
CA PHE A 165 2.81 12.63 23.74
C PHE A 165 1.30 12.54 23.46
N PHE A 166 0.93 11.76 22.47
CA PHE A 166 -0.45 11.60 22.12
C PHE A 166 -1.16 10.62 23.04
N ASP A 167 -2.41 10.92 23.31
CA ASP A 167 -3.36 10.05 23.97
C ASP A 167 -4.29 9.43 22.93
N GLY A 168 -4.87 8.31 23.30
CA GLY A 168 -5.87 7.63 22.49
C GLY A 168 -5.45 7.16 21.11
N GLU A 169 -4.18 6.87 20.88
CA GLU A 169 -3.77 6.27 19.63
C GLU A 169 -4.51 4.98 19.32
N GLU A 170 -4.69 4.12 20.31
CA GLU A 170 -5.19 2.76 20.12
C GLU A 170 -6.72 2.76 19.99
N ALA A 171 -7.25 1.68 19.40
CA ALA A 171 -8.68 1.55 19.24
C ALA A 171 -9.22 0.87 20.46
N PHE A 172 -10.44 1.25 20.84
CA PHE A 172 -11.11 0.63 21.99
C PHE A 172 -11.61 -0.76 21.64
N LEU A 173 -12.16 -0.96 20.45
CA LEU A 173 -12.80 -2.21 20.08
C LEU A 173 -12.25 -2.82 18.79
N HIS A 174 -12.26 -2.08 17.70
CA HIS A 174 -11.72 -2.60 16.48
C HIS A 174 -11.34 -1.42 15.62
N TRP A 175 -10.17 -1.50 15.04
CA TRP A 175 -9.55 -0.35 14.40
C TRP A 175 -10.39 0.16 13.24
N SER A 176 -10.63 1.47 13.21
CA SER A 176 -11.31 2.10 12.10
C SER A 176 -11.00 3.57 12.12
N PRO A 177 -11.47 4.32 11.14
CA PRO A 177 -11.25 5.75 11.10
C PRO A 177 -11.92 6.52 12.20
N GLN A 178 -12.94 5.99 12.83
CA GLN A 178 -13.57 6.70 13.91
C GLN A 178 -13.34 6.07 15.26
N ASP A 179 -12.73 4.88 15.32
CA ASP A 179 -12.23 4.26 16.55
C ASP A 179 -10.71 4.06 16.41
N SER A 180 -9.94 5.16 16.42
CA SER A 180 -8.48 5.23 16.63
C SER A 180 -7.99 6.67 16.38
N LEU A 181 -6.78 6.99 16.83
CA LEU A 181 -6.11 8.26 16.55
C LEU A 181 -6.91 9.44 17.08
N TYR A 182 -7.42 9.28 18.28
CA TYR A 182 -8.28 10.28 18.84
C TYR A 182 -7.54 11.58 19.07
N GLY A 183 -6.41 11.51 19.77
CA GLY A 183 -5.68 12.70 20.11
C GLY A 183 -4.95 13.34 18.96
N SER A 184 -4.55 12.57 17.98
CA SER A 184 -3.80 13.17 16.89
C SER A 184 -4.70 13.75 15.80
N ARG A 185 -5.87 13.18 15.54
CA ARG A 185 -6.88 13.85 14.72
C ARG A 185 -7.26 15.16 15.31
N HIS A 186 -7.56 15.13 16.59
CA HIS A 186 -7.94 16.35 17.24
C HIS A 186 -6.87 17.43 17.10
N LEU A 187 -5.61 17.10 17.39
CA LEU A 187 -4.61 18.16 17.47
C LEU A 187 -4.19 18.63 16.10
N ALA A 188 -4.05 17.74 15.14
CA ALA A 188 -3.79 18.20 13.78
C ALA A 188 -4.81 19.25 13.33
N ALA A 189 -6.09 18.92 13.37
CA ALA A 189 -7.11 19.81 12.86
C ALA A 189 -7.11 21.15 13.57
N LYS A 190 -6.72 21.20 14.83
CA LYS A 190 -6.66 22.45 15.56
C LYS A 190 -5.48 23.30 15.11
N MET A 191 -4.31 22.70 14.98
CA MET A 191 -3.16 23.47 14.52
C MET A 191 -3.41 23.99 13.11
N ALA A 192 -4.10 23.24 12.28
CA ALA A 192 -4.38 23.71 10.93
C ALA A 192 -5.28 24.94 10.93
N SER A 193 -6.14 25.08 11.94
CA SER A 193 -7.00 26.23 12.05
C SER A 193 -6.45 27.30 13.01
N THR A 194 -5.20 27.22 13.41
CA THR A 194 -4.60 28.22 14.28
C THR A 194 -3.51 28.99 13.54
N PRO A 195 -3.54 30.33 13.54
CA PRO A 195 -2.51 31.12 12.86
C PRO A 195 -1.18 31.22 13.60
N HIS A 196 -0.09 31.13 12.84
CA HIS A 196 1.24 31.20 13.40
C HIS A 196 2.10 31.86 12.37
N PRO A 197 3.03 32.65 12.80
CA PRO A 197 3.18 33.21 14.13
C PRO A 197 2.03 34.12 14.45
N PRO A 198 1.96 34.60 15.67
CA PRO A 198 0.81 35.39 16.07
C PRO A 198 0.66 36.64 15.22
N GLY A 199 -0.57 36.90 14.79
CA GLY A 199 -0.87 37.99 13.92
C GLY A 199 -0.98 37.64 12.45
N ALA A 200 -0.46 36.50 12.03
CA ALA A 200 -0.44 36.14 10.61
C ALA A 200 -1.85 36.05 10.04
N ARG A 201 -1.96 36.25 8.76
CA ARG A 201 -3.25 36.21 8.11
C ARG A 201 -3.40 35.07 7.13
N GLY A 202 -2.35 34.31 6.87
CA GLY A 202 -2.41 33.22 5.93
C GLY A 202 -1.52 32.02 6.20
N THR A 203 -0.93 31.91 7.38
CA THR A 203 -0.14 30.74 7.73
C THR A 203 -0.56 30.19 9.08
N SER A 204 -0.50 28.86 9.20
CA SER A 204 -0.95 28.09 10.35
C SER A 204 0.23 27.45 11.10
N GLN A 205 -0.11 26.79 12.21
CA GLN A 205 0.93 26.18 13.04
C GLN A 205 1.48 24.93 12.39
N LEU A 206 0.63 24.20 11.67
CA LEU A 206 1.11 23.10 10.85
C LEU A 206 2.19 23.54 9.89
N HIS A 207 2.08 24.76 9.33
CA HIS A 207 3.09 25.17 8.35
C HIS A 207 4.45 25.25 8.98
N GLY A 208 4.53 25.58 10.26
CA GLY A 208 5.77 25.59 11.01
C GLY A 208 6.31 24.24 11.48
N MET A 209 5.65 23.12 11.20
CA MET A 209 6.25 21.83 11.52
C MET A 209 7.29 21.51 10.44
N ASP A 210 8.57 21.60 10.81
CA ASP A 210 9.63 21.31 9.86
C ASP A 210 9.63 19.83 9.48
N LEU A 211 9.63 18.96 10.49
CA LEU A 211 9.67 17.52 10.32
C LEU A 211 9.04 16.94 11.55
N LEU A 212 8.13 16.03 11.37
CA LEU A 212 7.56 15.23 12.45
C LEU A 212 8.22 13.83 12.50
N VAL A 213 8.96 13.54 13.56
CA VAL A 213 9.62 12.26 13.81
C VAL A 213 8.80 11.46 14.81
N LEU A 214 8.03 10.51 14.35
CA LEU A 214 7.27 9.61 15.20
C LEU A 214 7.95 8.30 15.57
N LEU A 215 8.00 7.99 16.85
CA LEU A 215 8.59 6.80 17.42
C LEU A 215 7.49 5.84 17.87
N ASP A 216 7.60 4.56 17.49
CA ASP A 216 6.56 3.54 17.73
C ASP A 216 7.13 2.12 17.66
N LEU A 217 6.76 1.29 18.60
CA LEU A 217 7.01 -0.13 18.58
C LEU A 217 8.50 -0.43 18.69
N ILE A 218 9.17 0.21 19.64
CA ILE A 218 10.61 0.17 19.77
C ILE A 218 10.97 -0.55 21.04
N GLY A 219 11.99 -1.43 20.95
CA GLY A 219 12.47 -2.18 22.09
C GLY A 219 12.99 -3.61 21.88
N ALA A 220 12.61 -4.24 20.81
CA ALA A 220 12.98 -5.60 20.52
C ALA A 220 14.32 -5.72 19.85
N PRO A 221 14.93 -6.91 19.88
CA PRO A 221 16.21 -7.10 19.22
C PRO A 221 16.07 -7.22 17.72
N ASN A 222 17.09 -6.77 17.05
CA ASN A 222 17.23 -6.84 15.60
C ASN A 222 16.13 -6.12 14.81
N PRO A 223 15.79 -4.88 15.11
CA PRO A 223 14.80 -4.20 14.28
C PRO A 223 15.39 -3.74 12.97
N THR A 224 14.54 -3.68 11.94
CA THR A 224 14.88 -3.09 10.65
C THR A 224 13.83 -2.05 10.27
N PHE A 225 14.27 -0.82 9.97
CA PHE A 225 13.40 0.34 9.71
C PHE A 225 13.42 0.67 8.22
N PRO A 226 12.30 0.62 7.49
CA PRO A 226 12.30 1.05 6.09
C PRO A 226 12.28 2.58 5.92
N ASN A 227 12.73 3.02 4.75
CA ASN A 227 12.60 4.41 4.37
C ASN A 227 11.23 4.60 3.75
N PHE A 228 10.30 5.17 4.52
CA PHE A 228 8.91 5.15 4.09
C PHE A 228 8.58 6.22 3.10
N PHE A 229 9.26 7.35 3.11
CA PHE A 229 8.70 8.52 2.45
C PHE A 229 9.72 9.32 1.64
N PRO A 230 9.52 9.44 0.35
CA PRO A 230 10.48 10.18 -0.48
C PRO A 230 10.76 11.59 -0.07
N ASN A 231 9.85 12.29 0.57
CA ASN A 231 10.11 13.68 0.92
C ASN A 231 10.81 13.82 2.26
N SER A 232 11.30 12.73 2.84
CA SER A 232 12.14 12.78 4.02
C SER A 232 13.39 11.96 3.83
N ALA A 233 13.59 11.44 2.63
CA ALA A 233 14.61 10.45 2.38
C ALA A 233 16.02 10.95 2.67
N ARG A 234 16.30 12.22 2.40
CA ARG A 234 17.62 12.76 2.70
C ARG A 234 17.93 12.74 4.18
N TRP A 235 16.92 12.74 5.06
CA TRP A 235 17.15 12.74 6.50
C TRP A 235 17.26 11.31 7.03
N PHE A 236 16.56 10.38 6.42
CA PHE A 236 16.83 8.96 6.63
C PHE A 236 18.30 8.63 6.33
N GLU A 237 18.81 9.12 5.20
CA GLU A 237 20.20 8.96 4.80
C GLU A 237 21.13 9.44 5.89
N ARG A 238 20.77 10.52 6.56
CA ARG A 238 21.58 11.01 7.66
C ARG A 238 21.57 10.05 8.82
N LEU A 239 20.47 9.38 9.06
CA LEU A 239 20.49 8.41 10.13
C LEU A 239 21.38 7.21 9.78
N GLN A 240 21.54 6.90 8.52
CA GLN A 240 22.38 5.76 8.19
C GLN A 240 23.82 6.15 8.33
N ALA A 241 24.16 7.34 7.87
CA ALA A 241 25.52 7.81 8.04
C ALA A 241 25.86 7.89 9.51
N ILE A 242 24.96 8.41 10.33
CA ILE A 242 25.23 8.44 11.75
C ILE A 242 25.51 7.05 12.27
N GLU A 243 24.62 6.10 11.97
CA GLU A 243 24.81 4.74 12.50
C GLU A 243 26.17 4.21 12.09
N HIS A 244 26.54 4.42 10.84
CA HIS A 244 27.75 3.82 10.30
C HIS A 244 28.98 4.40 10.94
N GLU A 245 29.02 5.71 11.15
CA GLU A 245 30.24 6.26 11.73
C GLU A 245 30.30 6.00 13.21
N LEU A 246 29.17 5.92 13.89
CA LEU A 246 29.25 5.55 15.30
C LEU A 246 29.81 4.15 15.45
N HIS A 247 29.37 3.21 14.60
CA HIS A 247 29.98 1.88 14.61
C HIS A 247 31.47 2.00 14.37
N GLU A 248 31.86 2.63 13.28
CA GLU A 248 33.26 2.65 12.92
C GLU A 248 34.10 3.20 14.04
N LEU A 249 33.60 4.19 14.77
CA LEU A 249 34.32 4.66 15.94
C LEU A 249 34.20 3.72 17.10
N GLY A 250 33.50 2.62 16.95
CA GLY A 250 33.33 1.69 18.06
C GLY A 250 32.60 2.28 19.24
N LEU A 251 31.48 2.96 19.01
CA LEU A 251 30.72 3.57 20.09
C LEU A 251 29.36 2.91 20.31
N LEU A 252 29.05 1.85 19.58
CA LEU A 252 27.81 1.09 19.67
C LEU A 252 28.10 -0.28 20.28
N LYS A 253 27.08 -0.89 20.89
CA LYS A 253 27.23 -2.14 21.63
C LYS A 253 26.49 -3.33 20.99
N ASP A 254 27.21 -4.44 20.81
CA ASP A 254 26.67 -5.68 20.22
C ASP A 254 26.16 -5.46 18.82
N HIS A 255 26.95 -4.87 17.97
CA HIS A 255 26.41 -4.26 16.76
C HIS A 255 27.23 -4.66 15.54
N SER A 256 26.54 -5.10 14.50
CA SER A 256 27.14 -5.59 13.28
C SER A 256 26.66 -4.76 12.11
N LEU A 257 27.59 -4.35 11.27
CA LEU A 257 27.19 -3.67 10.05
C LEU A 257 26.44 -4.55 9.08
N GLU A 258 26.38 -5.87 9.30
CA GLU A 258 25.59 -6.73 8.45
C GLU A 258 24.14 -6.75 8.89
N GLY A 259 23.88 -6.59 10.18
CA GLY A 259 22.53 -6.42 10.68
C GLY A 259 22.18 -5.03 11.15
N ARG A 260 22.23 -4.02 10.30
CA ARG A 260 22.05 -2.66 10.78
C ARG A 260 20.59 -2.20 10.74
N TYR A 261 20.29 -1.19 11.54
CA TYR A 261 18.91 -0.77 11.79
C TYR A 261 18.31 0.02 10.64
N PHE A 262 19.07 0.87 9.99
CA PHE A 262 18.54 1.70 8.93
C PHE A 262 19.09 1.17 7.62
N GLN A 263 18.22 0.46 6.88
CA GLN A 263 18.58 -0.24 5.67
C GLN A 263 17.84 0.34 4.48
N ASN A 264 18.57 0.56 3.39
CA ASN A 264 18.01 1.34 2.29
C ASN A 264 17.15 0.40 1.43
N TYR A 265 16.00 0.06 1.97
CA TYR A 265 14.97 -0.65 1.24
C TYR A 265 13.63 0.04 1.50
N SER A 266 12.78 0.09 0.47
CA SER A 266 11.55 0.86 0.54
C SER A 266 10.37 -0.02 0.91
N TYR A 267 9.20 0.58 1.01
CA TYR A 267 8.03 -0.16 1.45
C TYR A 267 6.79 0.38 0.74
N GLY A 268 5.95 -0.52 0.23
CA GLY A 268 4.75 -0.12 -0.46
C GLY A 268 3.46 -0.60 0.19
N GLY A 269 2.86 0.26 1.00
CA GLY A 269 1.54 0.02 1.57
C GLY A 269 1.55 0.36 3.03
N VAL A 270 1.14 1.57 3.40
CA VAL A 270 1.67 2.11 4.64
C VAL A 270 0.81 1.79 5.83
N ILE A 271 1.26 2.27 6.94
CA ILE A 271 0.72 1.95 8.23
C ILE A 271 -0.07 3.15 8.68
N GLN A 272 -1.19 2.90 9.31
CA GLN A 272 -1.97 3.93 9.95
C GLN A 272 -1.44 4.19 11.35
N ASP A 273 -1.14 5.43 11.67
CA ASP A 273 -0.51 5.79 12.94
C ASP A 273 -0.73 7.28 13.13
N ASP A 274 -0.22 7.80 14.25
CA ASP A 274 -0.48 9.16 14.64
C ASP A 274 -0.03 10.17 13.59
N HIS A 275 0.72 9.75 12.59
CA HIS A 275 1.23 10.70 11.60
C HIS A 275 0.24 10.99 10.48
N ILE A 276 -0.72 10.10 10.24
CA ILE A 276 -1.62 10.27 9.11
C ILE A 276 -2.25 11.66 9.07
N PRO A 277 -2.80 12.17 10.16
CA PRO A 277 -3.50 13.45 10.08
C PRO A 277 -2.60 14.61 9.75
N PHE A 278 -1.34 14.54 10.07
CA PHE A 278 -0.45 15.61 9.71
C PHE A 278 0.09 15.43 8.28
N LEU A 279 0.26 14.17 7.86
CA LEU A 279 0.72 13.89 6.52
C LEU A 279 -0.36 14.22 5.50
N ARG A 280 -1.60 13.88 5.80
CA ARG A 280 -2.72 14.24 4.97
C ARG A 280 -2.80 15.74 4.73
N ARG A 281 -2.22 16.55 5.57
CA ARG A 281 -2.23 17.99 5.38
C ARG A 281 -0.86 18.54 4.98
N GLY A 282 0.03 17.68 4.51
CA GLY A 282 1.29 18.14 3.94
C GLY A 282 2.48 18.31 4.86
N VAL A 283 2.49 17.75 6.06
CA VAL A 283 3.66 17.81 6.93
C VAL A 283 4.68 16.72 6.60
N PRO A 284 5.98 17.03 6.55
CA PRO A 284 6.99 15.99 6.32
C PRO A 284 7.20 15.08 7.53
N VAL A 285 7.19 13.77 7.27
CA VAL A 285 7.25 12.75 8.31
C VAL A 285 8.47 11.87 8.15
N LEU A 286 9.20 11.67 9.24
CA LEU A 286 10.16 10.59 9.42
C LEU A 286 9.61 9.59 10.43
N HIS A 287 9.16 8.44 9.96
CA HIS A 287 8.36 7.48 10.74
C HIS A 287 9.23 6.34 11.28
N LEU A 288 9.57 6.38 12.55
CA LEU A 288 10.50 5.42 13.15
C LEU A 288 9.74 4.27 13.78
N ILE A 289 9.16 3.45 12.93
CA ILE A 289 8.49 2.20 13.30
C ILE A 289 9.09 1.08 12.45
N PRO A 290 9.33 -0.10 13.00
CA PRO A 290 10.04 -1.15 12.24
C PRO A 290 9.13 -2.09 11.47
N SER A 291 9.72 -2.73 10.48
CA SER A 291 9.02 -3.77 9.74
C SER A 291 9.89 -5.01 9.50
N PRO A 292 9.48 -6.17 10.02
CA PRO A 292 8.26 -6.53 10.75
C PRO A 292 8.13 -5.94 12.09
N PHE A 293 6.92 -6.04 12.61
CA PHE A 293 6.64 -5.65 13.94
C PHE A 293 7.32 -6.60 14.91
N PRO A 294 7.49 -6.20 16.11
CA PRO A 294 8.06 -7.10 17.08
C PRO A 294 7.26 -8.38 17.16
N GLU A 295 7.85 -9.45 17.67
CA GLU A 295 7.14 -10.72 17.76
C GLU A 295 6.05 -10.63 18.82
N VAL A 296 6.27 -9.83 19.86
CA VAL A 296 5.34 -9.81 20.98
C VAL A 296 4.12 -8.91 20.75
N TRP A 297 4.00 -8.33 19.55
CA TRP A 297 2.99 -7.32 19.27
C TRP A 297 1.60 -7.69 19.73
N HIS A 298 1.00 -6.79 20.48
CA HIS A 298 -0.33 -6.89 21.03
C HIS A 298 -0.59 -8.21 21.77
N THR A 299 0.40 -8.72 22.50
CA THR A 299 0.21 -9.80 23.47
C THR A 299 0.68 -9.41 24.85
N MET A 300 0.29 -10.21 25.83
CA MET A 300 0.78 -10.01 27.17
C MET A 300 2.27 -10.22 27.30
N ASP A 301 2.93 -10.75 26.28
CA ASP A 301 4.37 -10.89 26.35
C ASP A 301 5.16 -9.63 25.97
N ASP A 302 4.52 -8.54 25.54
CA ASP A 302 5.20 -7.24 25.32
C ASP A 302 5.38 -6.59 26.68
N ASN A 303 6.39 -7.09 27.40
CA ASN A 303 6.66 -6.78 28.78
C ASN A 303 8.13 -6.47 28.93
N GLU A 304 8.55 -6.23 30.17
CA GLU A 304 9.89 -5.74 30.46
C GLU A 304 10.95 -6.77 30.11
N GLU A 305 10.67 -8.02 30.33
CA GLU A 305 11.74 -8.98 30.19
C GLU A 305 12.08 -9.27 28.75
N ASN A 306 11.26 -8.85 27.80
CA ASN A 306 11.53 -9.14 26.42
C ASN A 306 12.17 -8.00 25.67
N LEU A 307 12.60 -6.97 26.38
CA LEU A 307 13.26 -5.81 25.81
C LEU A 307 14.75 -6.02 25.75
N ASP A 308 15.41 -5.38 24.80
CA ASP A 308 16.85 -5.50 24.62
C ASP A 308 17.52 -4.17 24.94
N GLU A 309 18.24 -4.16 26.06
CA GLU A 309 18.93 -2.99 26.59
C GLU A 309 19.85 -2.35 25.56
N SER A 310 20.77 -3.13 25.00
CA SER A 310 21.80 -2.59 24.14
C SER A 310 21.22 -1.94 22.91
N THR A 311 20.14 -2.50 22.37
CA THR A 311 19.52 -1.95 21.18
C THR A 311 18.98 -0.55 21.46
N ILE A 312 18.36 -0.37 22.62
CA ILE A 312 17.75 0.90 22.98
C ILE A 312 18.81 1.97 23.25
N ASP A 313 19.89 1.63 23.94
CA ASP A 313 21.03 2.51 24.15
C ASP A 313 21.68 2.93 22.84
N ASN A 314 21.86 2.00 21.93
CA ASN A 314 22.36 2.37 20.61
C ASN A 314 21.44 3.38 19.94
N LEU A 315 20.15 3.18 20.04
CA LEU A 315 19.25 3.99 19.26
C LEU A 315 19.13 5.38 19.86
N ASN A 316 19.19 5.50 21.19
CA ASN A 316 19.31 6.78 21.89
C ASN A 316 20.44 7.64 21.35
N LYS A 317 21.64 7.05 21.26
CA LYS A 317 22.81 7.81 20.82
C LYS A 317 22.64 8.31 19.41
N ILE A 318 22.04 7.51 18.53
CA ILE A 318 21.82 7.94 17.15
C ILE A 318 20.82 9.07 17.07
N LEU A 319 19.76 9.00 17.86
CA LEU A 319 18.71 10.01 17.82
C LEU A 319 19.22 11.34 18.37
N GLN A 320 20.02 11.30 19.43
CA GLN A 320 20.53 12.51 20.04
C GLN A 320 21.42 13.28 19.06
N VAL A 321 22.37 12.60 18.44
CA VAL A 321 23.17 13.16 17.36
C VAL A 321 22.31 13.76 16.26
N PHE A 322 21.32 13.01 15.80
CA PHE A 322 20.49 13.52 14.73
C PHE A 322 19.86 14.87 15.11
N VAL A 323 19.47 15.03 16.38
CA VAL A 323 18.70 16.20 16.80
C VAL A 323 19.62 17.41 16.91
N LEU A 324 20.82 17.24 17.47
CA LEU A 324 21.75 18.35 17.54
C LEU A 324 22.11 18.86 16.16
N GLU A 325 22.39 17.96 15.22
CA GLU A 325 22.73 18.36 13.86
C GLU A 325 21.59 19.05 13.17
N TYR A 326 20.36 18.74 13.53
CA TYR A 326 19.25 19.52 12.95
C TYR A 326 19.29 20.96 13.46
N LEU A 327 19.57 21.14 14.74
CA LEU A 327 19.40 22.44 15.38
C LEU A 327 20.72 23.20 15.52
N HIS A 328 21.70 22.87 14.67
CA HIS A 328 23.04 23.41 14.68
C HIS A 328 23.56 23.65 16.08
N LEU A 329 23.24 22.75 16.98
CA LEU A 329 23.76 22.82 18.33
C LEU A 329 24.92 21.88 18.58
N ALA B 1 -23.50 -1.74 -21.51
CA ALA B 1 -22.25 -1.78 -22.26
C ALA B 1 -22.34 -2.68 -23.52
N SER B 2 -21.19 -3.10 -24.04
CA SER B 2 -21.13 -3.96 -25.21
C SER B 2 -19.99 -4.97 -25.03
N ALA B 3 -19.41 -5.47 -26.12
CA ALA B 3 -18.37 -6.46 -26.00
C ALA B 3 -16.96 -5.93 -26.24
N TRP B 4 -16.83 -4.79 -26.89
CA TRP B 4 -15.48 -4.38 -27.27
C TRP B 4 -14.61 -4.03 -26.08
N PRO B 5 -15.16 -3.57 -24.96
CA PRO B 5 -14.28 -3.19 -23.85
C PRO B 5 -13.41 -4.30 -23.38
N GLU B 6 -13.73 -5.54 -23.73
CA GLU B 6 -12.96 -6.68 -23.27
C GLU B 6 -11.63 -6.78 -23.99
N GLU B 7 -11.64 -6.45 -25.28
CA GLU B 7 -10.52 -6.80 -26.16
C GLU B 7 -9.19 -6.49 -25.53
N LYS B 8 -9.13 -5.49 -24.66
CA LYS B 8 -7.83 -5.09 -24.16
C LYS B 8 -7.23 -6.16 -23.26
N ASN B 9 -8.06 -6.99 -22.65
CA ASN B 9 -7.51 -8.05 -21.84
C ASN B 9 -6.97 -9.21 -22.66
N TYR B 10 -7.45 -9.39 -23.87
CA TYR B 10 -6.92 -10.41 -24.76
C TYR B 10 -5.74 -9.95 -25.60
N HIS B 11 -5.34 -8.69 -25.49
CA HIS B 11 -4.46 -8.10 -26.49
C HIS B 11 -3.00 -8.53 -26.32
N GLN B 12 -2.32 -8.78 -27.44
CA GLN B 12 -0.93 -9.24 -27.37
C GLN B 12 -0.03 -8.49 -28.32
N PRO B 13 1.21 -8.25 -27.93
CA PRO B 13 2.14 -7.58 -28.83
C PRO B 13 2.37 -8.36 -30.11
N ALA B 14 2.95 -7.65 -31.06
CA ALA B 14 3.55 -8.21 -32.25
C ALA B 14 5.01 -7.83 -32.14
N ILE B 15 5.84 -8.76 -31.69
CA ILE B 15 7.17 -8.40 -31.25
C ILE B 15 8.09 -8.26 -32.47
N LEU B 16 9.21 -7.57 -32.27
CA LEU B 16 10.08 -7.16 -33.35
C LEU B 16 11.25 -8.12 -33.47
N ASN B 17 11.52 -8.57 -34.68
CA ASN B 17 12.76 -9.27 -34.90
C ASN B 17 13.90 -8.32 -34.59
N SER B 18 15.12 -8.84 -34.61
CA SER B 18 16.25 -8.02 -34.22
C SER B 18 16.68 -7.06 -35.32
N SER B 19 16.45 -7.42 -36.57
CA SER B 19 16.68 -6.47 -37.64
C SER B 19 15.94 -5.17 -37.33
N ALA B 20 14.61 -5.26 -37.25
CA ALA B 20 13.79 -4.11 -36.93
C ALA B 20 14.41 -3.29 -35.81
N LEU B 21 14.78 -3.97 -34.74
CA LEU B 21 15.35 -3.25 -33.60
C LEU B 21 16.53 -2.42 -34.02
N ARG B 22 17.26 -2.86 -35.03
CA ARG B 22 18.40 -2.06 -35.45
C ARG B 22 17.92 -0.75 -36.06
N GLN B 23 17.04 -0.86 -37.05
CA GLN B 23 16.54 0.34 -37.72
C GLN B 23 16.11 1.39 -36.72
N ILE B 24 15.42 0.97 -35.67
CA ILE B 24 14.80 1.91 -34.75
C ILE B 24 15.80 2.52 -33.81
N ALA B 25 16.87 1.80 -33.51
CA ALA B 25 17.90 2.37 -32.68
C ALA B 25 18.51 3.59 -33.32
N GLU B 26 18.68 3.56 -34.63
CA GLU B 26 19.33 4.66 -35.30
C GLU B 26 18.34 5.68 -35.80
N GLY B 27 17.06 5.36 -35.73
CA GLY B 27 16.01 6.22 -36.20
C GLY B 27 15.52 7.28 -35.24
N THR B 28 16.13 7.44 -34.06
CA THR B 28 15.88 8.60 -33.22
C THR B 28 17.21 9.21 -32.84
N SER B 29 17.19 10.50 -32.52
CA SER B 29 18.39 11.24 -32.16
C SER B 29 18.17 12.05 -30.90
N ILE B 30 19.07 11.88 -29.94
CA ILE B 30 18.99 12.60 -28.68
C ILE B 30 19.35 14.06 -28.85
N SER B 31 20.13 14.40 -29.86
CA SER B 31 20.61 15.77 -29.94
C SER B 31 19.57 16.70 -30.54
N GLU B 32 18.68 16.16 -31.37
CA GLU B 32 17.58 16.94 -31.95
C GLU B 32 16.46 17.23 -30.96
N MET B 33 16.12 16.28 -30.10
CA MET B 33 15.15 16.54 -29.06
C MET B 33 15.68 17.57 -28.08
N TRP B 34 16.94 17.43 -27.70
CA TRP B 34 17.47 18.27 -26.65
C TRP B 34 17.28 19.73 -26.99
N GLN B 35 17.48 20.10 -28.23
CA GLN B 35 17.43 21.50 -28.59
C GLN B 35 16.12 21.91 -29.22
N ASN B 36 15.43 21.04 -29.92
CA ASN B 36 14.22 21.51 -30.55
C ASN B 36 12.99 21.30 -29.70
N ASP B 37 13.00 20.36 -28.75
CA ASP B 37 11.83 20.04 -27.95
C ASP B 37 11.99 20.35 -26.49
N LEU B 38 13.18 20.22 -25.94
CA LEU B 38 13.40 20.41 -24.51
C LEU B 38 13.74 21.84 -24.11
N GLN B 39 14.80 22.40 -24.67
CA GLN B 39 15.25 23.71 -24.23
C GLN B 39 14.14 24.75 -24.18
N PRO B 40 13.18 24.76 -25.10
CA PRO B 40 12.06 25.69 -24.98
C PRO B 40 11.21 25.48 -23.75
N LEU B 41 11.34 24.36 -23.05
CA LEU B 41 10.49 24.11 -21.91
C LEU B 41 11.16 24.45 -20.60
N LEU B 42 12.45 24.72 -20.61
CA LEU B 42 13.18 24.92 -19.37
C LEU B 42 12.99 26.36 -18.86
N ILE B 43 11.80 26.59 -18.33
CA ILE B 43 11.38 27.90 -17.86
C ILE B 43 10.32 27.74 -16.78
N GLU B 44 10.05 28.85 -16.08
CA GLU B 44 9.01 28.93 -15.07
C GLU B 44 7.62 28.89 -15.70
N ARG B 45 6.79 27.95 -15.29
CA ARG B 45 5.55 27.72 -16.02
C ARG B 45 4.47 27.18 -15.10
N TYR B 46 4.42 27.68 -13.89
CA TYR B 46 3.33 27.36 -13.02
C TYR B 46 2.02 27.90 -13.59
N PRO B 47 0.90 27.32 -13.20
CA PRO B 47 -0.36 27.63 -13.86
C PRO B 47 -0.71 29.09 -13.71
N GLY B 48 -1.15 29.70 -14.80
CA GLY B 48 -1.47 31.10 -14.85
C GLY B 48 -0.35 32.03 -15.28
N SER B 49 0.87 31.71 -14.99
CA SER B 49 1.99 32.53 -15.40
C SER B 49 2.07 32.67 -16.92
N PRO B 50 3.01 33.46 -17.41
CA PRO B 50 3.17 33.59 -18.87
C PRO B 50 3.97 32.46 -19.45
N GLY B 51 4.80 31.85 -18.62
CA GLY B 51 5.44 30.62 -19.04
C GLY B 51 4.44 29.54 -19.38
N SER B 52 3.39 29.41 -18.57
CA SER B 52 2.39 28.42 -18.88
C SER B 52 1.83 28.59 -20.29
N TYR B 53 1.49 29.81 -20.69
CA TYR B 53 0.93 30.03 -22.02
C TYR B 53 1.95 29.74 -23.11
N ALA B 54 3.21 30.07 -22.87
CA ALA B 54 4.23 29.85 -23.87
C ALA B 54 4.49 28.35 -24.06
N ALA B 55 4.79 27.65 -23.00
CA ALA B 55 4.89 26.18 -23.01
C ALA B 55 3.79 25.51 -23.78
N ARG B 56 2.59 26.05 -23.65
CA ARG B 56 1.43 25.46 -24.27
C ARG B 56 1.43 25.68 -25.76
N GLN B 57 1.87 26.86 -26.19
CA GLN B 57 1.94 27.15 -27.61
C GLN B 57 3.01 26.32 -28.27
N HIS B 58 4.16 26.20 -27.61
CA HIS B 58 5.24 25.38 -28.14
C HIS B 58 4.82 23.93 -28.35
N ILE B 59 4.21 23.33 -27.33
CA ILE B 59 3.80 21.93 -27.48
C ILE B 59 2.89 21.76 -28.68
N MET B 60 1.93 22.65 -28.87
CA MET B 60 0.94 22.43 -29.89
C MET B 60 1.46 22.66 -31.29
N GLN B 61 2.44 23.51 -31.44
CA GLN B 61 2.92 23.86 -32.76
C GLN B 61 4.00 22.90 -33.20
N ARG B 62 4.59 22.16 -32.27
CA ARG B 62 5.46 21.06 -32.64
C ARG B 62 4.66 19.87 -33.16
N ILE B 63 3.58 19.52 -32.48
CA ILE B 63 2.74 18.44 -32.95
C ILE B 63 2.14 18.76 -34.31
N GLN B 64 1.64 19.98 -34.49
CA GLN B 64 0.87 20.36 -35.67
C GLN B 64 1.68 20.26 -36.96
N ARG B 65 2.99 20.31 -36.89
CA ARG B 65 3.87 20.22 -38.05
C ARG B 65 4.02 18.82 -38.66
N LEU B 66 3.70 17.74 -37.96
CA LEU B 66 4.02 16.41 -38.49
C LEU B 66 2.96 15.91 -39.46
N GLN B 67 3.35 14.90 -40.23
CA GLN B 67 2.56 14.35 -41.31
C GLN B 67 1.33 13.58 -40.86
N ALA B 68 1.33 13.05 -39.66
CA ALA B 68 0.18 12.28 -39.20
C ALA B 68 -0.92 13.22 -38.72
N ASP B 69 -2.16 12.82 -38.99
CA ASP B 69 -3.38 13.59 -38.73
C ASP B 69 -3.70 13.76 -37.25
N TRP B 70 -2.80 14.33 -36.48
CA TRP B 70 -3.09 14.59 -35.08
C TRP B 70 -4.20 15.61 -34.91
N VAL B 71 -5.07 15.37 -33.95
CA VAL B 71 -6.18 16.23 -33.63
C VAL B 71 -5.97 16.72 -32.22
N LEU B 72 -5.85 18.05 -32.09
CA LEU B 72 -5.60 18.72 -30.82
C LEU B 72 -6.89 19.27 -30.22
N GLU B 73 -7.01 19.13 -28.89
CA GLU B 73 -8.03 19.77 -28.05
C GLU B 73 -7.34 20.40 -26.86
N ILE B 74 -7.86 21.55 -26.43
CA ILE B 74 -7.47 22.19 -25.17
C ILE B 74 -8.66 22.16 -24.24
N ASP B 75 -8.42 21.74 -23.01
CA ASP B 75 -9.47 21.50 -22.03
C ASP B 75 -9.25 22.49 -20.89
N THR B 76 -9.96 23.61 -20.92
CA THR B 76 -9.70 24.73 -20.02
C THR B 76 -10.79 24.81 -18.97
N PHE B 77 -10.40 25.03 -17.72
CA PHE B 77 -11.37 24.93 -16.63
C PHE B 77 -10.94 25.76 -15.42
N LEU B 78 -11.82 25.88 -14.46
CA LEU B 78 -11.57 26.73 -13.31
C LEU B 78 -11.71 25.92 -12.04
N SER B 79 -10.82 26.14 -11.08
CA SER B 79 -10.87 25.43 -9.81
C SER B 79 -10.51 26.35 -8.65
N GLN B 80 -10.90 25.92 -7.46
CA GLN B 80 -10.56 26.60 -6.22
C GLN B 80 -9.16 26.21 -5.75
N THR B 81 -8.37 27.20 -5.42
CA THR B 81 -7.05 26.97 -4.87
C THR B 81 -6.94 27.62 -3.50
N PRO B 82 -5.87 27.33 -2.77
CA PRO B 82 -5.55 28.06 -1.54
C PRO B 82 -5.11 29.49 -1.77
N TYR B 83 -5.04 29.92 -3.00
CA TYR B 83 -4.87 31.33 -3.30
C TYR B 83 -6.10 31.90 -3.97
N GLY B 84 -7.21 31.19 -3.92
CA GLY B 84 -8.39 31.58 -4.64
C GLY B 84 -8.45 30.96 -6.01
N TYR B 85 -9.46 31.35 -6.77
CA TYR B 85 -9.77 30.74 -8.05
C TYR B 85 -8.68 30.98 -9.08
N ARG B 86 -8.47 29.97 -9.93
CA ARG B 86 -7.53 30.08 -11.03
C ARG B 86 -7.98 29.27 -12.23
N SER B 87 -7.28 29.47 -13.32
CA SER B 87 -7.58 28.91 -14.63
C SER B 87 -6.56 27.85 -15.01
N PHE B 88 -7.03 26.74 -15.56
CA PHE B 88 -6.15 25.62 -15.88
C PHE B 88 -6.44 25.15 -17.30
N SER B 89 -5.40 24.71 -18.01
CA SER B 89 -5.55 24.16 -19.37
C SER B 89 -4.76 22.86 -19.61
N ASN B 90 -5.47 21.72 -19.73
CA ASN B 90 -4.94 20.43 -20.23
C ASN B 90 -4.82 20.40 -21.75
N ILE B 91 -3.88 19.57 -22.26
CA ILE B 91 -3.62 19.35 -23.69
C ILE B 91 -3.80 17.89 -24.07
N ILE B 92 -4.55 17.62 -25.13
CA ILE B 92 -4.86 16.27 -25.57
C ILE B 92 -4.67 16.18 -27.08
N SER B 93 -3.90 15.18 -27.52
CA SER B 93 -3.56 14.99 -28.94
C SER B 93 -3.95 13.58 -29.36
N THR B 94 -4.76 13.44 -30.39
CA THR B 94 -5.37 12.16 -30.71
C THR B 94 -5.25 11.81 -32.19
N LEU B 95 -4.80 10.59 -32.48
CA LEU B 95 -4.96 10.00 -33.81
C LEU B 95 -6.18 9.10 -33.86
N ASN B 96 -6.93 9.21 -34.91
CA ASN B 96 -8.13 8.39 -35.08
C ASN B 96 -9.07 8.60 -33.90
N PRO B 97 -9.46 9.85 -33.64
CA PRO B 97 -10.31 10.17 -32.49
C PRO B 97 -11.50 9.29 -32.36
N THR B 98 -12.00 8.87 -33.48
CA THR B 98 -13.17 8.04 -33.54
C THR B 98 -12.94 6.53 -33.33
N ALA B 99 -11.70 6.08 -33.39
CA ALA B 99 -11.41 4.66 -33.18
C ALA B 99 -11.91 4.36 -31.80
N LYS B 100 -12.33 3.14 -31.57
CA LYS B 100 -12.84 2.77 -30.27
C LYS B 100 -11.86 2.63 -29.14
N ARG B 101 -10.59 2.47 -29.42
CA ARG B 101 -9.63 2.18 -28.36
C ARG B 101 -8.39 3.00 -28.58
N HIS B 102 -7.68 3.33 -27.51
CA HIS B 102 -6.44 4.07 -27.68
C HIS B 102 -5.48 3.68 -26.61
N LEU B 103 -4.25 3.48 -27.02
CA LEU B 103 -3.13 3.49 -26.11
C LEU B 103 -2.75 4.93 -25.79
N VAL B 104 -2.46 5.21 -24.52
CA VAL B 104 -2.31 6.58 -24.02
C VAL B 104 -0.97 6.76 -23.34
N LEU B 105 -0.21 7.76 -23.76
CA LEU B 105 0.97 8.25 -23.07
C LEU B 105 0.71 9.64 -22.47
N ALA B 106 1.33 9.95 -21.33
CA ALA B 106 0.97 11.18 -20.63
C ALA B 106 2.01 11.58 -19.62
N CYS B 107 2.01 12.86 -19.29
CA CYS B 107 2.83 13.49 -18.26
C CYS B 107 2.23 14.87 -17.91
N HIS B 108 2.84 15.56 -16.96
CA HIS B 108 2.34 16.87 -16.51
C HIS B 108 3.27 17.96 -17.03
N TYR B 109 2.70 19.07 -17.50
CA TYR B 109 3.51 20.11 -18.15
C TYR B 109 3.71 21.36 -17.32
N ASP B 110 3.08 21.50 -16.18
CA ASP B 110 3.34 22.61 -15.28
C ASP B 110 4.61 22.39 -14.48
N SER B 111 5.07 23.46 -13.85
CA SER B 111 6.15 23.44 -12.87
C SER B 111 5.64 23.98 -11.55
N LYS B 112 6.21 23.49 -10.47
CA LYS B 112 5.80 23.88 -9.13
C LYS B 112 6.15 25.34 -8.82
N TYR B 113 5.29 26.00 -8.06
CA TYR B 113 5.47 27.40 -7.68
C TYR B 113 6.37 27.53 -6.46
N PHE B 114 7.45 28.27 -6.61
CA PHE B 114 8.36 28.62 -5.54
C PHE B 114 8.67 30.10 -5.62
N SER B 115 9.12 30.65 -4.50
CA SER B 115 9.68 31.99 -4.52
C SER B 115 11.14 31.94 -4.94
N HIS B 116 11.60 33.05 -5.50
CA HIS B 116 12.97 33.15 -5.98
C HIS B 116 13.94 33.21 -4.82
N TRP B 117 14.79 32.21 -4.73
CA TRP B 117 15.65 31.96 -3.59
C TRP B 117 17.08 32.13 -4.07
N ASN B 118 17.74 33.18 -3.59
CA ASN B 118 19.09 33.50 -4.04
C ASN B 118 19.13 33.69 -5.55
N ASN B 119 18.07 34.27 -6.11
CA ASN B 119 18.02 34.61 -7.52
C ASN B 119 18.13 33.38 -8.42
N ARG B 120 17.72 32.24 -7.90
CA ARG B 120 17.57 31.03 -8.69
C ARG B 120 16.09 30.79 -8.95
N VAL B 121 15.77 30.15 -10.07
CA VAL B 121 14.38 29.92 -10.46
C VAL B 121 14.19 28.45 -10.81
N PHE B 122 13.08 27.89 -10.35
CA PHE B 122 12.84 26.47 -10.47
C PHE B 122 12.21 26.11 -11.81
N VAL B 123 12.80 25.17 -12.52
CA VAL B 123 12.36 24.83 -13.87
C VAL B 123 11.89 23.38 -14.03
N GLY B 124 12.17 22.50 -13.08
CA GLY B 124 11.74 21.13 -13.19
C GLY B 124 12.19 20.42 -14.44
N ALA B 125 13.51 20.31 -14.61
CA ALA B 125 14.08 19.57 -15.74
C ALA B 125 13.56 18.15 -15.81
N THR B 126 13.62 17.44 -14.68
CA THR B 126 13.11 16.09 -14.55
C THR B 126 11.62 16.03 -14.35
N ASP B 127 11.04 17.11 -13.84
CA ASP B 127 9.73 17.07 -13.23
C ASP B 127 8.83 18.11 -13.80
N SER B 128 8.26 17.95 -14.99
CA SER B 128 8.44 16.81 -15.87
C SER B 128 8.86 17.20 -17.29
N ALA B 129 9.72 18.18 -17.45
CA ALA B 129 10.03 18.67 -18.78
C ALA B 129 10.50 17.55 -19.70
N VAL B 130 11.44 16.73 -19.23
CA VAL B 130 11.95 15.63 -20.05
C VAL B 130 10.85 14.67 -20.46
N PRO B 131 9.99 14.24 -19.60
CA PRO B 131 8.86 13.46 -20.11
C PRO B 131 8.09 14.12 -21.23
N CYS B 132 7.92 15.45 -21.20
CA CYS B 132 7.26 16.14 -22.30
C CYS B 132 8.07 15.97 -23.58
N ALA B 133 9.36 16.20 -23.51
CA ALA B 133 10.17 16.20 -24.71
C ALA B 133 10.31 14.78 -25.26
N MET B 134 10.58 13.82 -24.38
CA MET B 134 10.52 12.41 -24.76
C MET B 134 9.25 12.11 -25.52
N MET B 135 8.11 12.55 -25.01
CA MET B 135 6.87 12.31 -25.75
C MET B 135 6.93 12.97 -27.12
N LEU B 136 7.55 14.15 -27.23
CA LEU B 136 7.54 14.85 -28.51
C LEU B 136 8.49 14.20 -29.52
N GLU B 137 9.66 13.81 -29.08
CA GLU B 137 10.56 13.06 -29.96
C GLU B 137 9.90 11.79 -30.45
N LEU B 138 9.17 11.10 -29.58
CA LEU B 138 8.51 9.89 -30.04
C LEU B 138 7.68 10.16 -31.28
N ALA B 139 6.74 11.09 -31.20
CA ALA B 139 5.82 11.30 -32.31
C ALA B 139 6.55 11.69 -33.58
N ARG B 140 7.81 12.07 -33.48
CA ARG B 140 8.60 12.37 -34.66
C ARG B 140 9.16 11.09 -35.30
N ALA B 141 10.00 10.36 -34.57
CA ALA B 141 10.65 9.16 -35.09
C ALA B 141 9.67 8.17 -35.70
N LEU B 142 8.45 8.15 -35.24
CA LEU B 142 7.46 7.21 -35.74
C LEU B 142 6.43 7.81 -36.65
N ASP B 143 6.55 9.10 -36.96
CA ASP B 143 5.57 9.80 -37.77
C ASP B 143 5.25 9.00 -39.03
N LYS B 144 6.29 8.50 -39.69
CA LYS B 144 6.10 7.73 -40.90
C LYS B 144 5.27 6.49 -40.63
N LYS B 145 5.62 5.74 -39.60
CA LYS B 145 4.86 4.56 -39.27
C LYS B 145 3.44 4.90 -38.86
N LEU B 146 3.28 5.88 -37.95
CA LEU B 146 1.95 6.22 -37.45
C LEU B 146 1.02 6.63 -38.57
N LEU B 147 1.56 7.29 -39.57
CA LEU B 147 0.76 7.72 -40.70
C LEU B 147 -0.08 6.61 -41.29
N SER B 148 0.39 5.35 -41.23
CA SER B 148 -0.31 4.25 -41.89
C SER B 148 -1.73 4.14 -41.40
N LEU B 149 -1.96 4.41 -40.13
CA LEU B 149 -3.24 4.16 -39.49
C LEU B 149 -4.41 4.91 -40.12
N LYS B 150 -4.12 5.71 -41.15
CA LYS B 150 -5.11 6.27 -42.08
C LYS B 150 -5.19 7.78 -41.89
N PRO B 157 -7.95 -4.25 -36.51
CA PRO B 157 -7.93 -3.86 -35.10
C PRO B 157 -8.04 -2.35 -34.90
N ASP B 158 -9.13 -1.93 -34.25
CA ASP B 158 -9.52 -0.52 -34.12
C ASP B 158 -8.85 0.09 -32.89
N LEU B 159 -7.56 0.27 -32.99
CA LEU B 159 -6.77 0.73 -31.87
C LEU B 159 -5.83 1.75 -32.45
N SER B 160 -5.60 2.83 -31.70
CA SER B 160 -4.71 3.89 -32.13
C SER B 160 -4.08 4.51 -30.90
N LEU B 161 -3.50 5.66 -31.11
CA LEU B 161 -2.67 6.33 -30.12
C LEU B 161 -3.27 7.68 -29.70
N GLN B 162 -2.85 8.18 -28.53
CA GLN B 162 -3.29 9.44 -27.92
C GLN B 162 -2.21 9.89 -26.94
N LEU B 163 -2.03 11.20 -26.81
CA LEU B 163 -1.11 11.79 -25.82
C LEU B 163 -1.84 12.81 -24.95
N ILE B 164 -1.44 12.88 -23.67
CA ILE B 164 -2.01 13.82 -22.73
C ILE B 164 -0.92 14.58 -22.01
N PHE B 165 -1.06 15.91 -21.93
CA PHE B 165 -0.21 16.75 -21.08
C PHE B 165 -1.07 17.48 -20.03
N PHE B 166 -1.06 17.00 -18.80
CA PHE B 166 -1.83 17.57 -17.72
C PHE B 166 -1.22 18.88 -17.21
N ASP B 167 -2.09 19.85 -16.90
CA ASP B 167 -1.76 21.04 -16.14
C ASP B 167 -2.13 20.83 -14.68
N GLY B 168 -1.37 21.43 -13.78
CA GLY B 168 -1.75 21.45 -12.37
C GLY B 168 -1.46 20.22 -11.52
N GLU B 169 -0.42 19.48 -11.84
CA GLU B 169 -0.10 18.32 -11.02
C GLU B 169 0.39 18.74 -9.64
N GLU B 170 1.16 19.81 -9.56
CA GLU B 170 1.84 20.16 -8.32
C GLU B 170 0.93 20.93 -7.36
N ALA B 171 1.18 20.73 -6.08
CA ALA B 171 0.45 21.45 -5.06
C ALA B 171 0.86 22.91 -5.04
N PHE B 172 -0.11 23.78 -4.87
CA PHE B 172 0.22 25.18 -4.69
C PHE B 172 0.87 25.44 -3.33
N LEU B 173 0.39 24.82 -2.25
CA LEU B 173 0.89 25.18 -0.93
C LEU B 173 1.20 23.99 -0.02
N HIS B 174 0.35 22.95 -0.03
CA HIS B 174 0.55 21.83 0.86
C HIS B 174 -0.19 20.65 0.28
N TRP B 175 0.55 19.61 -0.05
CA TRP B 175 -0.01 18.51 -0.81
C TRP B 175 -1.10 17.82 -0.04
N SER B 176 -2.24 17.68 -0.66
CA SER B 176 -3.47 17.31 -0.02
C SER B 176 -4.43 16.97 -1.12
N PRO B 177 -5.54 16.31 -0.81
CA PRO B 177 -6.52 15.96 -1.85
C PRO B 177 -7.07 17.16 -2.55
N GLN B 178 -7.17 18.29 -1.86
CA GLN B 178 -7.82 19.46 -2.39
C GLN B 178 -6.85 20.37 -3.12
N ASP B 179 -5.56 20.17 -2.93
CA ASP B 179 -4.54 21.03 -3.52
C ASP B 179 -3.50 20.11 -4.18
N SER B 180 -3.89 19.47 -5.27
CA SER B 180 -2.99 18.70 -6.13
C SER B 180 -3.80 18.10 -7.24
N LEU B 181 -3.13 17.77 -8.33
CA LEU B 181 -3.68 16.90 -9.34
C LEU B 181 -4.93 17.48 -9.99
N TYR B 182 -4.84 18.77 -10.35
CA TYR B 182 -6.02 19.54 -10.71
C TYR B 182 -6.50 19.16 -12.11
N GLY B 183 -5.62 19.14 -13.08
CA GLY B 183 -6.02 18.74 -14.42
C GLY B 183 -6.42 17.27 -14.55
N SER B 184 -5.75 16.39 -13.83
CA SER B 184 -6.08 14.96 -13.92
C SER B 184 -7.42 14.64 -13.25
N ARG B 185 -7.64 15.13 -12.04
CA ARG B 185 -8.96 14.99 -11.42
C ARG B 185 -10.07 15.51 -12.30
N HIS B 186 -9.84 16.61 -12.99
CA HIS B 186 -10.88 17.18 -13.81
C HIS B 186 -11.11 16.35 -15.04
N LEU B 187 -10.03 15.98 -15.73
CA LEU B 187 -10.15 15.27 -16.99
C LEU B 187 -10.70 13.86 -16.80
N ALA B 188 -10.38 13.20 -15.70
CA ALA B 188 -10.86 11.84 -15.52
C ALA B 188 -12.35 11.81 -15.30
N ALA B 189 -12.89 12.83 -14.65
CA ALA B 189 -14.33 12.89 -14.50
C ALA B 189 -14.99 13.31 -15.80
N LYS B 190 -14.31 14.05 -16.63
CA LYS B 190 -14.92 14.43 -17.89
C LYS B 190 -15.04 13.23 -18.83
N MET B 191 -13.99 12.42 -18.97
CA MET B 191 -14.06 11.25 -19.85
C MET B 191 -15.03 10.23 -19.31
N ALA B 192 -15.09 10.12 -17.98
CA ALA B 192 -16.06 9.24 -17.36
C ALA B 192 -17.48 9.53 -17.78
N SER B 193 -17.80 10.75 -18.15
CA SER B 193 -19.18 11.14 -18.41
C SER B 193 -19.50 11.32 -19.89
N THR B 194 -18.54 11.09 -20.77
CA THR B 194 -18.68 11.33 -22.19
C THR B 194 -18.87 10.05 -22.98
N PRO B 195 -19.99 9.84 -23.66
CA PRO B 195 -20.13 8.67 -24.49
C PRO B 195 -18.95 8.51 -25.44
N HIS B 196 -18.62 7.26 -25.74
CA HIS B 196 -17.61 6.93 -26.71
C HIS B 196 -17.87 5.52 -27.21
N PRO B 197 -17.89 5.33 -28.53
CA PRO B 197 -17.66 6.33 -29.54
C PRO B 197 -18.91 7.11 -29.70
N PRO B 198 -18.87 8.14 -30.53
CA PRO B 198 -20.07 8.91 -30.78
C PRO B 198 -21.24 8.01 -31.04
N GLY B 199 -22.41 8.45 -30.61
CA GLY B 199 -23.63 7.70 -30.75
C GLY B 199 -23.86 6.69 -29.66
N ALA B 200 -22.82 6.18 -29.03
CA ALA B 200 -22.96 5.06 -28.12
C ALA B 200 -24.02 5.29 -27.08
N ARG B 201 -24.47 4.24 -26.43
CA ARG B 201 -25.51 4.37 -25.44
C ARG B 201 -25.12 3.85 -24.09
N GLY B 202 -24.03 3.12 -24.00
CA GLY B 202 -23.64 2.49 -22.76
C GLY B 202 -22.17 2.53 -22.43
N THR B 203 -21.33 3.11 -23.26
CA THR B 203 -19.89 3.09 -23.01
C THR B 203 -19.31 4.50 -23.09
N SER B 204 -18.15 4.67 -22.47
CA SER B 204 -17.53 5.95 -22.24
C SER B 204 -16.11 5.94 -22.77
N GLN B 205 -15.50 7.11 -22.69
CA GLN B 205 -14.14 7.31 -23.16
C GLN B 205 -13.14 6.63 -22.26
N LEU B 206 -13.49 6.46 -21.01
CA LEU B 206 -12.59 5.79 -20.10
C LEU B 206 -12.56 4.31 -20.39
N HIS B 207 -13.68 3.76 -20.81
CA HIS B 207 -13.70 2.40 -21.28
C HIS B 207 -12.68 2.23 -22.42
N GLY B 208 -12.63 3.19 -23.34
CA GLY B 208 -11.74 3.11 -24.49
C GLY B 208 -10.28 3.18 -24.17
N MET B 209 -9.91 3.50 -22.95
CA MET B 209 -8.52 3.61 -22.54
C MET B 209 -7.94 2.21 -22.32
N ASP B 210 -7.22 1.72 -23.34
CA ASP B 210 -6.61 0.39 -23.29
C ASP B 210 -5.63 0.30 -22.14
N LEU B 211 -4.75 1.29 -22.00
CA LEU B 211 -3.76 1.30 -20.93
C LEU B 211 -3.15 2.69 -20.84
N LEU B 212 -2.70 3.07 -19.64
CA LEU B 212 -2.17 4.39 -19.39
C LEU B 212 -0.74 4.35 -18.94
N VAL B 213 0.15 4.91 -19.73
CA VAL B 213 1.55 4.98 -19.39
C VAL B 213 1.87 6.39 -18.96
N LEU B 214 2.32 6.55 -17.72
CA LEU B 214 2.60 7.85 -17.17
C LEU B 214 4.09 7.96 -16.88
N LEU B 215 4.73 8.95 -17.44
CA LEU B 215 6.11 9.22 -17.14
C LEU B 215 6.20 10.39 -16.17
N ASP B 216 7.18 10.35 -15.27
CA ASP B 216 7.35 11.40 -14.27
C ASP B 216 8.71 11.22 -13.61
N LEU B 217 9.43 12.31 -13.43
CA LEU B 217 10.71 12.28 -12.71
C LEU B 217 11.74 11.42 -13.42
N ILE B 218 11.81 11.54 -14.74
CA ILE B 218 12.78 10.85 -15.57
C ILE B 218 13.86 11.83 -16.00
N GLY B 219 15.12 11.42 -15.91
CA GLY B 219 16.19 12.27 -16.41
C GLY B 219 17.52 12.18 -15.71
N ALA B 220 17.56 11.58 -14.56
CA ALA B 220 18.79 11.40 -13.85
C ALA B 220 19.33 10.00 -14.11
N PRO B 221 20.53 9.69 -13.66
CA PRO B 221 21.12 8.41 -13.99
C PRO B 221 20.85 7.33 -12.97
N ASN B 222 20.84 6.11 -13.45
CA ASN B 222 20.78 4.92 -12.60
C ASN B 222 19.38 4.65 -12.06
N PRO B 223 18.34 5.12 -12.70
CA PRO B 223 17.01 4.90 -12.14
C PRO B 223 16.73 3.42 -11.93
N THR B 224 15.75 3.16 -11.07
CA THR B 224 15.23 1.82 -10.83
C THR B 224 13.71 1.88 -10.86
N PHE B 225 13.09 1.04 -11.66
CA PHE B 225 11.65 1.14 -11.87
C PHE B 225 10.94 -0.09 -11.32
N PRO B 226 10.40 -0.01 -10.13
CA PRO B 226 9.52 -1.08 -9.63
C PRO B 226 8.37 -1.41 -10.56
N ASN B 227 7.89 -2.64 -10.48
CA ASN B 227 6.60 -3.01 -11.05
C ASN B 227 5.53 -2.75 -10.00
N PHE B 228 4.59 -1.88 -10.31
CA PHE B 228 3.67 -1.39 -9.30
C PHE B 228 2.40 -2.19 -9.21
N PHE B 229 1.80 -2.57 -10.33
CA PHE B 229 0.44 -3.06 -10.32
C PHE B 229 0.33 -4.44 -10.99
N PRO B 230 -0.34 -5.39 -10.34
CA PRO B 230 -0.49 -6.71 -10.98
C PRO B 230 -1.14 -6.64 -12.33
N ASN B 231 -2.30 -5.99 -12.44
CA ASN B 231 -3.06 -6.13 -13.68
C ASN B 231 -2.39 -5.46 -14.86
N SER B 232 -1.20 -4.89 -14.69
CA SER B 232 -0.40 -4.39 -15.79
C SER B 232 0.92 -5.12 -15.91
N ALA B 233 1.11 -6.22 -15.18
CA ALA B 233 2.44 -6.77 -15.01
C ALA B 233 2.94 -7.48 -16.26
N ARG B 234 2.04 -8.04 -17.07
CA ARG B 234 2.50 -8.64 -18.31
C ARG B 234 3.18 -7.60 -19.18
N TRP B 235 2.70 -6.36 -19.13
CA TRP B 235 3.33 -5.33 -19.92
C TRP B 235 4.62 -4.85 -19.27
N PHE B 236 4.72 -4.86 -17.95
CA PHE B 236 6.01 -4.54 -17.35
C PHE B 236 7.06 -5.56 -17.76
N GLU B 237 6.68 -6.80 -17.93
CA GLU B 237 7.64 -7.80 -18.34
C GLU B 237 8.18 -7.48 -19.73
N ARG B 238 7.28 -7.25 -20.68
CA ARG B 238 7.71 -6.82 -22.00
C ARG B 238 8.80 -5.76 -21.91
N LEU B 239 8.57 -4.74 -21.09
CA LEU B 239 9.58 -3.71 -20.93
C LEU B 239 10.90 -4.29 -20.48
N GLN B 240 10.87 -5.43 -19.81
CA GLN B 240 12.13 -6.01 -19.37
C GLN B 240 12.83 -6.72 -20.51
N ALA B 241 12.08 -7.47 -21.30
CA ALA B 241 12.64 -8.03 -22.52
C ALA B 241 13.36 -6.96 -23.31
N ILE B 242 12.67 -5.86 -23.58
CA ILE B 242 13.20 -4.85 -24.49
C ILE B 242 14.51 -4.31 -23.96
N GLU B 243 14.60 -4.06 -22.66
CA GLU B 243 15.87 -3.58 -22.16
C GLU B 243 16.95 -4.63 -22.38
N HIS B 244 16.64 -5.87 -22.09
CA HIS B 244 17.66 -6.89 -22.12
C HIS B 244 18.25 -6.97 -23.51
N GLU B 245 17.46 -7.47 -24.46
CA GLU B 245 17.99 -7.70 -25.78
C GLU B 245 18.80 -6.50 -26.24
N LEU B 246 18.14 -5.35 -26.38
CA LEU B 246 18.85 -4.17 -26.84
C LEU B 246 20.19 -4.03 -26.16
N HIS B 247 20.32 -4.56 -24.95
CA HIS B 247 21.64 -4.61 -24.38
C HIS B 247 22.51 -5.58 -25.16
N GLU B 248 22.02 -6.80 -25.36
CA GLU B 248 22.79 -7.79 -26.08
C GLU B 248 23.22 -7.25 -27.44
N LEU B 249 22.28 -6.63 -28.18
CA LEU B 249 22.60 -6.11 -29.52
C LEU B 249 23.47 -4.90 -29.47
N GLY B 250 24.01 -4.50 -28.33
CA GLY B 250 24.94 -3.39 -28.28
C GLY B 250 24.34 -2.08 -28.71
N LEU B 251 23.05 -1.88 -28.48
CA LEU B 251 22.39 -0.66 -28.94
C LEU B 251 22.23 0.40 -27.85
N LEU B 252 22.21 0.02 -26.57
CA LEU B 252 22.26 1.00 -25.50
C LEU B 252 23.68 1.53 -25.36
N LYS B 253 23.85 2.43 -24.41
CA LYS B 253 25.12 3.07 -24.16
C LYS B 253 25.28 3.30 -22.67
N ASP B 254 26.53 3.34 -22.22
CA ASP B 254 26.86 3.50 -20.82
C ASP B 254 25.87 2.73 -19.97
N HIS B 255 25.88 1.44 -20.15
CA HIS B 255 24.88 0.58 -19.55
C HIS B 255 25.56 -0.61 -18.89
N SER B 256 24.98 -1.05 -17.79
CA SER B 256 25.48 -2.20 -17.04
C SER B 256 24.29 -3.02 -16.58
N LEU B 257 24.24 -4.28 -16.97
CA LEU B 257 23.15 -5.12 -16.49
C LEU B 257 23.12 -5.16 -14.98
N GLU B 258 24.21 -4.79 -14.34
CA GLU B 258 24.13 -4.40 -12.94
C GLU B 258 23.03 -3.37 -12.77
N GLY B 259 23.11 -2.27 -13.50
CA GLY B 259 22.18 -1.17 -13.33
C GLY B 259 20.99 -1.17 -14.28
N ARG B 260 20.40 -2.33 -14.54
CA ARG B 260 19.24 -2.36 -15.42
C ARG B 260 18.10 -1.57 -14.80
N TYR B 261 17.33 -0.92 -15.66
CA TYR B 261 16.31 -0.02 -15.17
C TYR B 261 15.12 -0.78 -14.61
N PHE B 262 14.77 -1.89 -15.22
CA PHE B 262 13.58 -2.63 -14.88
C PHE B 262 13.95 -3.84 -14.04
N GLN B 263 13.82 -3.69 -12.73
CA GLN B 263 14.12 -4.77 -11.79
C GLN B 263 12.79 -5.31 -11.29
N ASN B 264 12.43 -6.48 -11.79
CA ASN B 264 11.13 -7.09 -11.60
C ASN B 264 10.49 -6.92 -10.22
N TYR B 265 11.30 -6.71 -9.17
CA TYR B 265 10.80 -6.86 -7.80
C TYR B 265 9.51 -6.06 -7.58
N SER B 266 8.63 -6.59 -6.70
CA SER B 266 7.33 -6.02 -6.39
C SER B 266 7.44 -4.85 -5.42
N TYR B 267 6.40 -4.02 -5.38
CA TYR B 267 6.42 -2.83 -4.51
C TYR B 267 5.15 -2.64 -3.71
N GLY B 268 4.11 -2.07 -4.31
CA GLY B 268 2.98 -1.57 -3.54
C GLY B 268 1.74 -1.31 -4.40
N GLY B 269 1.39 -0.06 -4.70
CA GLY B 269 2.04 1.14 -4.20
C GLY B 269 1.37 2.42 -4.74
N VAL B 270 0.91 3.41 -3.96
CA VAL B 270 1.39 3.95 -2.67
C VAL B 270 1.89 5.32 -3.01
N ILE B 271 2.02 5.61 -4.32
CA ILE B 271 2.48 6.89 -4.81
C ILE B 271 1.27 7.65 -5.31
N GLN B 272 1.19 8.93 -4.96
CA GLN B 272 0.13 9.78 -5.44
C GLN B 272 0.61 10.49 -6.71
N ASP B 273 -0.14 10.36 -7.79
CA ASP B 273 0.24 10.99 -9.05
C ASP B 273 -0.99 11.05 -9.95
N ASP B 274 -0.82 11.71 -11.09
CA ASP B 274 -1.90 11.94 -12.03
C ASP B 274 -2.73 10.71 -12.35
N HIS B 275 -2.21 9.50 -12.12
CA HIS B 275 -2.92 8.29 -12.54
C HIS B 275 -4.06 7.92 -11.62
N ILE B 276 -4.02 8.41 -10.41
CA ILE B 276 -4.97 8.06 -9.37
C ILE B 276 -6.40 8.17 -9.84
N PRO B 277 -6.88 9.35 -10.25
CA PRO B 277 -8.29 9.45 -10.64
C PRO B 277 -8.70 8.50 -11.74
N PHE B 278 -7.77 8.02 -12.55
CA PHE B 278 -8.11 7.08 -13.61
C PHE B 278 -8.12 5.62 -13.11
N LEU B 279 -7.07 5.22 -12.39
CA LEU B 279 -7.03 3.92 -11.74
C LEU B 279 -8.27 3.66 -10.89
N ARG B 280 -8.62 4.63 -10.03
CA ARG B 280 -9.83 4.59 -9.23
C ARG B 280 -11.05 4.07 -10.00
N ARG B 281 -11.19 4.44 -11.26
CA ARG B 281 -12.40 4.13 -12.00
C ARG B 281 -12.26 2.91 -12.91
N GLY B 282 -11.14 2.20 -12.86
CA GLY B 282 -11.01 0.93 -13.49
C GLY B 282 -10.12 0.83 -14.71
N VAL B 283 -9.16 1.71 -14.88
CA VAL B 283 -8.36 1.75 -16.09
C VAL B 283 -6.97 1.22 -15.76
N PRO B 284 -6.43 0.31 -16.55
CA PRO B 284 -5.09 -0.23 -16.29
C PRO B 284 -4.01 0.83 -16.45
N VAL B 285 -2.98 0.75 -15.63
CA VAL B 285 -1.96 1.79 -15.53
C VAL B 285 -0.59 1.16 -15.51
N LEU B 286 0.36 1.86 -16.11
CA LEU B 286 1.75 1.47 -16.18
C LEU B 286 2.57 2.69 -15.79
N HIS B 287 3.02 2.71 -14.56
CA HIS B 287 3.50 3.92 -13.93
C HIS B 287 5.01 3.92 -13.97
N LEU B 288 5.60 4.78 -14.79
CA LEU B 288 7.04 4.79 -14.95
C LEU B 288 7.60 5.99 -14.22
N ILE B 289 7.64 5.89 -12.91
CA ILE B 289 8.30 6.87 -12.06
C ILE B 289 9.31 6.10 -11.23
N PRO B 290 10.51 6.60 -11.04
CA PRO B 290 11.52 5.84 -10.31
C PRO B 290 11.33 5.85 -8.81
N SER B 291 11.81 4.79 -8.18
CA SER B 291 11.93 4.74 -6.74
C SER B 291 13.28 4.20 -6.33
N PRO B 292 14.08 5.00 -5.66
CA PRO B 292 13.85 6.33 -5.11
C PRO B 292 13.77 7.45 -6.14
N PHE B 293 13.30 8.64 -5.72
CA PHE B 293 13.27 9.79 -6.58
C PHE B 293 14.68 10.25 -6.85
N PRO B 294 14.86 11.17 -7.80
CA PRO B 294 16.18 11.74 -8.02
C PRO B 294 16.69 12.47 -6.79
N GLU B 295 18.00 12.71 -6.80
CA GLU B 295 18.64 13.42 -5.70
C GLU B 295 18.11 14.83 -5.58
N VAL B 296 17.85 15.52 -6.69
CA VAL B 296 17.59 16.95 -6.68
C VAL B 296 16.10 17.28 -6.60
N TRP B 297 15.26 16.27 -6.42
CA TRP B 297 13.83 16.48 -6.42
C TRP B 297 13.45 17.73 -5.63
N HIS B 298 12.58 18.51 -6.21
CA HIS B 298 12.10 19.77 -5.66
C HIS B 298 13.23 20.56 -5.01
N THR B 299 14.35 20.67 -5.71
CA THR B 299 15.39 21.63 -5.39
C THR B 299 15.78 22.41 -6.64
N MET B 300 16.56 23.47 -6.44
CA MET B 300 16.92 24.32 -7.57
C MET B 300 17.92 23.66 -8.51
N ASP B 301 18.58 22.62 -8.06
CA ASP B 301 19.54 21.96 -8.91
C ASP B 301 18.87 21.03 -9.91
N ASP B 302 17.58 20.77 -9.77
CA ASP B 302 16.88 20.08 -10.84
C ASP B 302 16.92 20.93 -12.08
N ASN B 303 18.09 21.02 -12.69
CA ASN B 303 18.30 21.88 -13.83
C ASN B 303 18.84 21.07 -15.00
N GLU B 304 19.30 21.75 -16.04
CA GLU B 304 19.75 21.04 -17.22
C GLU B 304 21.05 20.33 -16.96
N GLU B 305 21.98 21.00 -16.29
CA GLU B 305 23.31 20.47 -16.13
C GLU B 305 23.38 19.19 -15.35
N ASN B 306 22.29 18.69 -14.81
CA ASN B 306 22.33 17.52 -13.96
C ASN B 306 21.63 16.33 -14.58
N LEU B 307 21.37 16.40 -15.87
CA LEU B 307 20.73 15.32 -16.59
C LEU B 307 21.81 14.50 -17.29
N ASP B 308 21.60 13.20 -17.38
CA ASP B 308 22.54 12.31 -18.05
C ASP B 308 22.03 11.96 -19.44
N GLU B 309 22.70 12.51 -20.45
CA GLU B 309 22.25 12.38 -21.83
C GLU B 309 22.12 10.92 -22.24
N SER B 310 23.01 10.08 -21.73
CA SER B 310 23.02 8.68 -22.15
C SER B 310 21.78 7.95 -21.68
N THR B 311 21.26 8.30 -20.51
CA THR B 311 20.14 7.57 -19.94
C THR B 311 18.85 7.87 -20.66
N ILE B 312 18.66 9.12 -21.09
CA ILE B 312 17.45 9.45 -21.81
C ILE B 312 17.49 8.87 -23.21
N ASP B 313 18.63 8.99 -23.88
CA ASP B 313 18.77 8.30 -25.15
C ASP B 313 18.35 6.84 -25.02
N ASN B 314 18.74 6.18 -23.94
CA ASN B 314 18.41 4.77 -23.78
C ASN B 314 16.92 4.53 -23.66
N LEU B 315 16.26 5.34 -22.86
CA LEU B 315 14.85 5.09 -22.58
C LEU B 315 13.96 5.53 -23.72
N ASN B 316 14.39 6.49 -24.52
CA ASN B 316 13.65 6.80 -25.73
C ASN B 316 13.63 5.59 -26.65
N LYS B 317 14.73 4.87 -26.69
CA LYS B 317 14.76 3.66 -27.49
C LYS B 317 13.78 2.63 -26.95
N ILE B 318 13.79 2.37 -25.65
CA ILE B 318 12.91 1.37 -25.08
C ILE B 318 11.43 1.71 -25.31
N LEU B 319 11.05 2.97 -25.06
CA LEU B 319 9.66 3.37 -25.18
C LEU B 319 9.20 3.37 -26.61
N GLN B 320 10.02 3.88 -27.53
CA GLN B 320 9.63 3.82 -28.92
C GLN B 320 9.28 2.39 -29.35
N VAL B 321 10.10 1.41 -28.97
CA VAL B 321 9.83 0.03 -29.40
C VAL B 321 8.52 -0.46 -28.82
N PHE B 322 8.34 -0.28 -27.52
CA PHE B 322 7.14 -0.76 -26.88
C PHE B 322 5.91 -0.37 -27.66
N VAL B 323 5.92 0.84 -28.22
CA VAL B 323 4.70 1.38 -28.78
C VAL B 323 4.42 0.73 -30.13
N LEU B 324 5.43 0.56 -30.97
CA LEU B 324 5.23 -0.20 -32.19
C LEU B 324 4.79 -1.61 -31.85
N GLU B 325 5.42 -2.19 -30.84
CA GLU B 325 5.06 -3.55 -30.47
C GLU B 325 3.63 -3.63 -29.98
N TYR B 326 3.22 -2.68 -29.12
CA TYR B 326 1.83 -2.66 -28.69
C TYR B 326 0.88 -2.41 -29.85
N LEU B 327 1.31 -1.67 -30.85
CA LEU B 327 0.39 -1.23 -31.88
C LEU B 327 0.52 -1.96 -33.20
N HIS B 328 1.62 -2.67 -33.44
CA HIS B 328 1.78 -3.54 -34.61
C HIS B 328 2.20 -2.76 -35.83
N LEU B 329 3.30 -2.06 -35.73
CA LEU B 329 3.85 -1.36 -36.84
C LEU B 329 5.33 -1.64 -36.77
N ALA C 1 -21.83 -6.48 26.23
CA ALA C 1 -20.45 -6.94 26.02
C ALA C 1 -19.96 -7.82 27.17
N SER C 2 -18.99 -8.70 26.88
CA SER C 2 -18.39 -9.59 27.88
C SER C 2 -16.93 -9.85 27.54
N ALA C 3 -16.41 -11.01 27.94
CA ALA C 3 -15.01 -11.33 27.75
C ALA C 3 -14.73 -12.39 26.70
N TRP C 4 -15.68 -13.26 26.39
CA TRP C 4 -15.37 -14.36 25.46
C TRP C 4 -14.89 -13.88 24.10
N PRO C 5 -15.21 -12.68 23.62
CA PRO C 5 -14.70 -12.26 22.31
C PRO C 5 -13.20 -12.04 22.25
N GLU C 6 -12.50 -12.07 23.37
CA GLU C 6 -11.06 -11.99 23.33
C GLU C 6 -10.39 -13.36 23.33
N GLU C 7 -11.14 -14.45 23.51
CA GLU C 7 -10.56 -15.78 23.57
C GLU C 7 -9.70 -16.07 22.35
N LYS C 8 -10.13 -15.66 21.17
CA LYS C 8 -9.36 -15.96 19.98
C LYS C 8 -7.94 -15.45 20.09
N ASN C 9 -7.72 -14.43 20.90
CA ASN C 9 -6.38 -13.90 21.05
C ASN C 9 -5.47 -14.83 21.83
N TYR C 10 -6.02 -15.80 22.55
CA TYR C 10 -5.23 -16.69 23.38
C TYR C 10 -5.31 -18.16 22.95
N HIS C 11 -5.83 -18.43 21.76
CA HIS C 11 -6.11 -19.79 21.34
C HIS C 11 -4.90 -20.44 20.68
N GLN C 12 -4.62 -21.68 21.06
CA GLN C 12 -3.45 -22.41 20.61
C GLN C 12 -3.82 -23.72 19.91
N PRO C 13 -3.03 -24.18 18.94
CA PRO C 13 -3.37 -25.44 18.28
C PRO C 13 -3.06 -26.67 19.14
N ALA C 14 -3.61 -27.79 18.71
CA ALA C 14 -3.26 -29.13 19.20
C ALA C 14 -2.58 -29.84 18.05
N ILE C 15 -1.28 -29.88 18.10
CA ILE C 15 -0.50 -30.40 16.99
C ILE C 15 -0.56 -31.91 16.99
N LEU C 16 -0.36 -32.48 15.82
CA LEU C 16 -0.53 -33.90 15.61
C LEU C 16 0.79 -34.62 15.59
N ASN C 17 0.79 -35.85 16.07
CA ASN C 17 1.97 -36.69 15.99
C ASN C 17 2.13 -37.27 14.58
N SER C 18 3.29 -37.86 14.34
CA SER C 18 3.63 -38.29 13.00
C SER C 18 2.88 -39.55 12.59
N SER C 19 2.36 -40.32 13.54
CA SER C 19 1.42 -41.36 13.15
C SER C 19 0.12 -40.75 12.67
N ALA C 20 -0.36 -39.72 13.36
CA ALA C 20 -1.65 -39.13 13.01
C ALA C 20 -1.60 -38.54 11.61
N LEU C 21 -0.58 -37.75 11.33
CA LEU C 21 -0.46 -37.16 10.00
C LEU C 21 -0.68 -38.23 8.94
N ARG C 22 0.16 -39.26 8.95
CA ARG C 22 0.05 -40.36 7.99
C ARG C 22 -1.39 -40.63 7.67
N GLN C 23 -2.19 -40.84 8.70
CA GLN C 23 -3.60 -41.12 8.49
C GLN C 23 -4.25 -40.06 7.62
N ILE C 24 -4.00 -38.79 7.90
CA ILE C 24 -4.72 -37.76 7.19
C ILE C 24 -4.35 -37.78 5.72
N ALA C 25 -3.07 -37.97 5.43
CA ALA C 25 -2.64 -38.00 4.04
C ALA C 25 -3.28 -39.14 3.29
N GLU C 26 -3.64 -40.20 4.00
CA GLU C 26 -4.29 -41.34 3.38
C GLU C 26 -5.79 -41.17 3.25
N GLY C 27 -6.37 -40.23 4.01
CA GLY C 27 -7.80 -39.96 4.07
C GLY C 27 -8.39 -39.13 2.96
N THR C 28 -7.62 -38.64 2.00
CA THR C 28 -8.12 -37.74 0.97
C THR C 28 -7.72 -38.24 -0.41
N SER C 29 -8.58 -38.03 -1.40
CA SER C 29 -8.38 -38.58 -2.74
C SER C 29 -8.58 -37.51 -3.78
N ILE C 30 -7.49 -37.11 -4.41
CA ILE C 30 -7.57 -36.07 -5.40
C ILE C 30 -8.48 -36.48 -6.55
N SER C 31 -8.51 -37.76 -6.90
CA SER C 31 -9.18 -38.20 -8.11
C SER C 31 -10.68 -38.27 -7.93
N GLU C 32 -11.16 -38.54 -6.74
CA GLU C 32 -12.58 -38.42 -6.51
C GLU C 32 -13.04 -36.95 -6.35
N MET C 33 -12.21 -36.06 -5.81
CA MET C 33 -12.56 -34.63 -5.81
C MET C 33 -12.67 -34.15 -7.24
N TRP C 34 -11.73 -34.57 -8.07
CA TRP C 34 -11.79 -34.17 -9.47
C TRP C 34 -13.09 -34.58 -10.12
N GLN C 35 -13.56 -35.79 -9.84
CA GLN C 35 -14.70 -36.30 -10.58
C GLN C 35 -16.00 -35.81 -9.99
N ASN C 36 -16.14 -35.91 -8.69
CA ASN C 36 -17.41 -35.68 -8.02
C ASN C 36 -17.62 -34.22 -7.63
N ASP C 37 -16.56 -33.49 -7.23
CA ASP C 37 -16.76 -32.14 -6.71
C ASP C 37 -16.42 -31.05 -7.69
N LEU C 38 -15.44 -31.23 -8.55
CA LEU C 38 -14.98 -30.13 -9.39
C LEU C 38 -15.65 -30.09 -10.75
N GLN C 39 -15.55 -31.17 -11.51
CA GLN C 39 -16.02 -31.15 -12.89
C GLN C 39 -17.44 -30.65 -13.02
N PRO C 40 -18.35 -30.91 -12.11
CA PRO C 40 -19.67 -30.31 -12.25
C PRO C 40 -19.68 -28.79 -12.11
N LEU C 41 -18.63 -28.18 -11.56
CA LEU C 41 -18.59 -26.74 -11.38
C LEU C 41 -17.93 -26.01 -12.53
N LEU C 42 -17.39 -26.71 -13.53
CA LEU C 42 -16.68 -26.03 -14.62
C LEU C 42 -17.66 -25.65 -15.73
N ILE C 43 -18.45 -24.62 -15.44
CA ILE C 43 -19.54 -24.16 -16.31
C ILE C 43 -19.70 -22.65 -16.15
N GLU C 44 -20.31 -22.02 -17.15
CA GLU C 44 -20.67 -20.60 -17.13
C GLU C 44 -21.61 -20.35 -15.97
N ARG C 45 -21.16 -19.62 -14.95
CA ARG C 45 -21.96 -19.44 -13.74
C ARG C 45 -21.87 -18.01 -13.25
N TYR C 46 -22.19 -17.06 -14.12
CA TYR C 46 -22.21 -15.67 -13.70
C TYR C 46 -23.53 -15.36 -13.02
N PRO C 47 -23.58 -14.33 -12.19
CA PRO C 47 -24.79 -14.02 -11.42
C PRO C 47 -26.01 -13.87 -12.29
N GLY C 48 -27.07 -14.50 -11.90
CA GLY C 48 -28.27 -14.56 -12.68
C GLY C 48 -28.36 -15.72 -13.67
N SER C 49 -27.24 -16.34 -14.03
CA SER C 49 -27.29 -17.28 -15.14
C SER C 49 -27.88 -18.62 -14.73
N PRO C 50 -28.32 -19.39 -15.71
CA PRO C 50 -28.73 -20.77 -15.42
C PRO C 50 -27.64 -21.61 -14.76
N GLY C 51 -26.38 -21.40 -15.13
CA GLY C 51 -25.31 -22.13 -14.49
C GLY C 51 -25.05 -21.70 -13.07
N SER C 52 -25.35 -20.44 -12.76
CA SER C 52 -25.40 -20.03 -11.37
C SER C 52 -26.43 -20.81 -10.58
N TYR C 53 -27.61 -21.03 -11.15
CA TYR C 53 -28.59 -21.85 -10.46
C TYR C 53 -28.06 -23.23 -10.26
N ALA C 54 -27.43 -23.79 -11.30
CA ALA C 54 -26.93 -25.18 -11.25
C ALA C 54 -25.82 -25.34 -10.23
N ALA C 55 -24.86 -24.43 -10.22
CA ALA C 55 -23.77 -24.59 -9.27
C ALA C 55 -24.27 -24.54 -7.86
N ARG C 56 -25.38 -23.88 -7.66
CA ARG C 56 -25.83 -23.68 -6.30
C ARG C 56 -26.49 -24.93 -5.78
N GLN C 57 -27.14 -25.69 -6.65
CA GLN C 57 -27.78 -26.93 -6.22
C GLN C 57 -26.76 -28.04 -5.97
N HIS C 58 -25.83 -28.23 -6.89
CA HIS C 58 -24.65 -29.05 -6.68
C HIS C 58 -24.05 -28.85 -5.29
N ILE C 59 -23.82 -27.61 -4.89
CA ILE C 59 -23.13 -27.39 -3.63
C ILE C 59 -23.95 -27.91 -2.48
N MET C 60 -25.21 -27.55 -2.42
CA MET C 60 -26.03 -28.00 -1.31
C MET C 60 -26.20 -29.51 -1.35
N GLN C 61 -26.38 -30.10 -2.53
CA GLN C 61 -26.54 -31.55 -2.59
C GLN C 61 -25.32 -32.26 -2.06
N ARG C 62 -24.14 -31.77 -2.40
CA ARG C 62 -22.94 -32.38 -1.84
C ARG C 62 -22.92 -32.30 -0.32
N ILE C 63 -23.24 -31.15 0.27
CA ILE C 63 -23.18 -31.07 1.73
C ILE C 63 -24.25 -31.94 2.38
N GLN C 64 -25.39 -32.11 1.74
CA GLN C 64 -26.50 -32.79 2.39
C GLN C 64 -26.29 -34.29 2.55
N ARG C 65 -25.48 -34.90 1.72
CA ARG C 65 -25.25 -36.33 1.92
C ARG C 65 -24.31 -36.64 3.06
N LEU C 66 -23.51 -35.70 3.52
CA LEU C 66 -22.58 -36.00 4.58
C LEU C 66 -23.30 -36.30 5.88
N GLN C 67 -22.57 -36.83 6.84
CA GLN C 67 -23.17 -37.30 8.07
C GLN C 67 -23.21 -36.29 9.20
N ALA C 68 -22.41 -35.23 9.14
CA ALA C 68 -22.40 -34.30 10.26
C ALA C 68 -23.57 -33.34 10.12
N ASP C 69 -23.92 -32.69 11.22
CA ASP C 69 -25.15 -31.91 11.27
C ASP C 69 -24.96 -30.51 10.72
N TRP C 70 -24.88 -30.41 9.41
CA TRP C 70 -24.70 -29.13 8.78
C TRP C 70 -26.02 -28.36 8.68
N VAL C 71 -25.95 -27.03 8.75
CA VAL C 71 -27.11 -26.17 8.63
C VAL C 71 -26.88 -25.20 7.49
N LEU C 72 -27.67 -25.34 6.43
CA LEU C 72 -27.54 -24.52 5.23
C LEU C 72 -28.51 -23.34 5.24
N GLU C 73 -28.03 -22.19 4.79
CA GLU C 73 -28.80 -20.97 4.59
C GLU C 73 -28.52 -20.38 3.21
N ILE C 74 -29.53 -19.89 2.55
CA ILE C 74 -29.33 -19.21 1.29
C ILE C 74 -29.70 -17.74 1.52
N ASP C 75 -28.73 -16.85 1.42
CA ASP C 75 -28.91 -15.43 1.68
C ASP C 75 -29.08 -14.70 0.36
N THR C 76 -30.31 -14.41 -0.03
CA THR C 76 -30.63 -13.79 -1.31
C THR C 76 -30.83 -12.29 -1.16
N PHE C 77 -30.39 -11.52 -2.14
CA PHE C 77 -30.53 -10.08 -2.00
C PHE C 77 -30.44 -9.39 -3.35
N LEU C 78 -30.75 -8.09 -3.33
CA LEU C 78 -30.85 -7.28 -4.52
C LEU C 78 -29.83 -6.15 -4.47
N SER C 79 -29.23 -5.81 -5.61
CA SER C 79 -28.34 -4.67 -5.68
C SER C 79 -28.27 -4.14 -7.09
N GLN C 80 -27.74 -2.94 -7.21
CA GLN C 80 -27.63 -2.24 -8.48
C GLN C 80 -26.27 -2.48 -9.10
N THR C 81 -26.26 -2.67 -10.40
CA THR C 81 -25.03 -2.87 -11.13
C THR C 81 -24.94 -1.93 -12.31
N PRO C 82 -23.86 -1.98 -13.05
CA PRO C 82 -23.81 -1.23 -14.30
C PRO C 82 -24.88 -1.63 -15.30
N TYR C 83 -25.51 -2.80 -15.15
CA TYR C 83 -26.55 -3.21 -16.09
C TYR C 83 -27.94 -3.15 -15.49
N GLY C 84 -28.09 -2.67 -14.28
CA GLY C 84 -29.38 -2.59 -13.62
C GLY C 84 -29.34 -3.33 -12.31
N TYR C 85 -30.50 -3.50 -11.73
CA TYR C 85 -30.65 -4.28 -10.52
C TYR C 85 -30.64 -5.76 -10.85
N ARG C 86 -29.92 -6.53 -10.05
CA ARG C 86 -29.83 -7.97 -10.26
C ARG C 86 -29.91 -8.63 -8.89
N SER C 87 -30.28 -9.89 -8.90
CA SER C 87 -30.33 -10.67 -7.67
C SER C 87 -29.12 -11.59 -7.53
N PHE C 88 -28.73 -11.82 -6.28
CA PHE C 88 -27.54 -12.53 -5.87
C PHE C 88 -27.84 -13.44 -4.69
N SER C 89 -27.07 -14.52 -4.55
CA SER C 89 -27.28 -15.50 -3.47
C SER C 89 -25.96 -16.02 -2.90
N ASN C 90 -25.67 -15.71 -1.65
CA ASN C 90 -24.61 -16.36 -0.89
C ASN C 90 -25.10 -17.70 -0.32
N ILE C 91 -24.18 -18.62 -0.07
CA ILE C 91 -24.48 -19.93 0.50
C ILE C 91 -23.69 -20.11 1.77
N ILE C 92 -24.35 -20.57 2.82
CA ILE C 92 -23.70 -20.63 4.11
C ILE C 92 -23.96 -21.97 4.79
N SER C 93 -22.88 -22.61 5.25
CA SER C 93 -22.90 -23.95 5.83
C SER C 93 -22.22 -23.94 7.18
N THR C 94 -22.98 -24.29 8.22
CA THR C 94 -22.59 -24.08 9.61
C THR C 94 -22.83 -25.33 10.46
N LEU C 95 -21.80 -25.76 11.20
CA LEU C 95 -22.00 -26.70 12.30
C LEU C 95 -22.13 -25.93 13.60
N ASN C 96 -23.14 -26.24 14.39
CA ASN C 96 -23.34 -25.63 15.68
C ASN C 96 -23.61 -24.14 15.57
N PRO C 97 -24.69 -23.71 14.92
CA PRO C 97 -24.97 -22.28 14.81
C PRO C 97 -25.01 -21.57 16.13
N THR C 98 -25.27 -22.27 17.22
CA THR C 98 -25.37 -21.64 18.51
C THR C 98 -24.04 -21.29 19.18
N ALA C 99 -23.01 -22.06 18.89
CA ALA C 99 -21.70 -21.79 19.45
C ALA C 99 -21.33 -20.34 19.28
N LYS C 100 -20.49 -19.84 20.15
CA LYS C 100 -20.10 -18.45 20.09
C LYS C 100 -19.04 -18.16 19.09
N ARG C 101 -18.12 -19.09 18.93
CA ARG C 101 -16.97 -18.89 18.05
C ARG C 101 -17.00 -19.92 16.94
N HIS C 102 -16.59 -19.50 15.75
CA HIS C 102 -16.48 -20.37 14.62
C HIS C 102 -15.23 -20.01 13.84
N LEU C 103 -14.54 -21.02 13.34
CA LEU C 103 -13.54 -20.86 12.30
C LEU C 103 -14.25 -20.85 10.96
N VAL C 104 -13.78 -20.04 10.04
CA VAL C 104 -14.49 -19.83 8.80
C VAL C 104 -13.58 -20.01 7.61
N LEU C 105 -14.08 -20.66 6.60
CA LEU C 105 -13.37 -20.94 5.36
C LEU C 105 -14.23 -20.43 4.22
N ALA C 106 -13.64 -19.82 3.21
CA ALA C 106 -14.48 -19.25 2.17
C ALA C 106 -13.82 -19.16 0.83
N CYS C 107 -14.64 -19.04 -0.20
CA CYS C 107 -14.21 -18.63 -1.52
C CYS C 107 -15.41 -18.09 -2.26
N HIS C 108 -15.22 -17.70 -3.51
CA HIS C 108 -16.31 -17.24 -4.35
C HIS C 108 -16.66 -18.27 -5.43
N TYR C 109 -17.97 -18.43 -5.70
CA TYR C 109 -18.49 -19.49 -6.58
C TYR C 109 -19.06 -18.96 -7.89
N ASP C 110 -18.96 -17.67 -8.11
CA ASP C 110 -19.34 -17.06 -9.37
C ASP C 110 -18.12 -16.99 -10.29
N SER C 111 -18.39 -16.90 -11.57
CA SER C 111 -17.33 -16.70 -12.53
C SER C 111 -17.61 -15.44 -13.33
N LYS C 112 -16.55 -14.78 -13.73
CA LYS C 112 -16.63 -13.47 -14.37
C LYS C 112 -17.50 -13.50 -15.63
N TYR C 113 -18.18 -12.40 -15.90
CA TYR C 113 -19.02 -12.26 -17.09
C TYR C 113 -18.18 -11.90 -18.31
N PHE C 114 -18.35 -12.66 -19.39
CA PHE C 114 -17.57 -12.51 -20.62
C PHE C 114 -18.41 -12.84 -21.84
N SER C 115 -18.03 -12.23 -22.96
CA SER C 115 -18.53 -12.63 -24.26
C SER C 115 -17.92 -13.96 -24.66
N HIS C 116 -18.60 -14.65 -25.57
CA HIS C 116 -18.09 -15.92 -26.08
C HIS C 116 -17.09 -15.64 -27.21
N TRP C 117 -15.88 -15.26 -26.83
CA TRP C 117 -14.84 -15.06 -27.82
C TRP C 117 -14.46 -16.39 -28.45
N ASN C 118 -14.10 -16.34 -29.74
CA ASN C 118 -13.61 -17.51 -30.44
C ASN C 118 -14.51 -18.72 -30.21
N ASN C 119 -15.80 -18.47 -30.01
CA ASN C 119 -16.72 -19.56 -29.75
C ASN C 119 -16.32 -20.32 -28.49
N ARG C 120 -15.63 -19.64 -27.58
CA ARG C 120 -15.11 -20.19 -26.34
C ARG C 120 -15.85 -19.61 -25.13
N VAL C 121 -15.66 -20.23 -23.97
CA VAL C 121 -16.42 -19.90 -22.75
C VAL C 121 -15.48 -19.87 -21.56
N PHE C 122 -15.62 -18.83 -20.73
CA PHE C 122 -14.81 -18.66 -19.52
C PHE C 122 -15.47 -19.38 -18.36
N VAL C 123 -14.67 -20.09 -17.56
CA VAL C 123 -15.19 -20.94 -16.49
C VAL C 123 -14.38 -20.82 -15.22
N GLY C 124 -13.26 -20.13 -15.27
CA GLY C 124 -12.51 -19.84 -14.06
C GLY C 124 -12.14 -21.02 -13.20
N ALA C 125 -11.29 -21.91 -13.72
CA ALA C 125 -10.91 -23.12 -13.02
C ALA C 125 -10.10 -22.83 -11.77
N THR C 126 -9.12 -21.94 -11.85
CA THR C 126 -8.52 -21.44 -10.63
C THR C 126 -9.37 -20.39 -9.92
N ASP C 127 -10.32 -19.78 -10.61
CA ASP C 127 -10.95 -18.55 -10.14
C ASP C 127 -12.47 -18.64 -10.07
N SER C 128 -13.04 -19.33 -9.10
CA SER C 128 -12.38 -20.16 -8.12
C SER C 128 -13.08 -21.54 -7.96
N ALA C 129 -13.29 -22.25 -9.06
CA ALA C 129 -13.90 -23.58 -8.99
C ALA C 129 -13.08 -24.55 -8.14
N VAL C 130 -11.76 -24.58 -8.34
CA VAL C 130 -10.93 -25.46 -7.52
C VAL C 130 -11.11 -25.17 -6.04
N PRO C 131 -10.96 -23.93 -5.55
CA PRO C 131 -11.12 -23.71 -4.10
C PRO C 131 -12.46 -24.13 -3.55
N CYS C 132 -13.55 -23.92 -4.29
CA CYS C 132 -14.82 -24.56 -3.97
C CYS C 132 -14.64 -26.06 -3.80
N ALA C 133 -14.04 -26.71 -4.78
CA ALA C 133 -13.94 -28.17 -4.71
C ALA C 133 -13.07 -28.63 -3.56
N MET C 134 -12.09 -27.81 -3.17
CA MET C 134 -11.26 -28.11 -2.02
C MET C 134 -12.04 -28.01 -0.73
N MET C 135 -12.96 -27.05 -0.63
CA MET C 135 -13.73 -26.93 0.59
C MET C 135 -14.68 -28.11 0.75
N LEU C 136 -15.26 -28.59 -0.34
CA LEU C 136 -16.11 -29.78 -0.29
C LEU C 136 -15.36 -31.06 0.07
N GLU C 137 -14.24 -31.35 -0.60
CA GLU C 137 -13.48 -32.54 -0.28
C GLU C 137 -13.07 -32.57 1.18
N LEU C 138 -12.75 -31.41 1.76
CA LEU C 138 -12.37 -31.37 3.16
C LEU C 138 -13.51 -31.79 4.04
N ALA C 139 -14.71 -31.41 3.68
CA ALA C 139 -15.81 -31.71 4.57
C ALA C 139 -16.16 -33.18 4.50
N ARG C 140 -15.95 -33.77 3.33
CA ARG C 140 -16.07 -35.21 3.17
C ARG C 140 -14.99 -35.96 3.94
N ALA C 141 -13.73 -35.58 3.77
CA ALA C 141 -12.64 -36.35 4.36
C ALA C 141 -12.66 -36.32 5.87
N LEU C 142 -13.11 -35.24 6.47
CA LEU C 142 -13.13 -35.13 7.93
C LEU C 142 -14.49 -35.38 8.52
N ASP C 143 -15.43 -35.84 7.71
CA ASP C 143 -16.83 -35.92 8.13
C ASP C 143 -16.97 -36.68 9.43
N LYS C 144 -16.25 -37.77 9.57
CA LYS C 144 -16.46 -38.59 10.74
C LYS C 144 -16.02 -37.84 11.98
N LYS C 145 -14.83 -37.27 11.93
CA LYS C 145 -14.33 -36.53 13.06
C LYS C 145 -15.20 -35.31 13.35
N LEU C 146 -15.76 -34.69 12.32
CA LEU C 146 -16.56 -33.49 12.54
C LEU C 146 -17.83 -33.77 13.34
N LEU C 147 -18.41 -34.95 13.18
CA LEU C 147 -19.53 -35.33 14.02
C LEU C 147 -19.21 -35.20 15.47
N SER C 148 -17.95 -35.33 15.84
CA SER C 148 -17.60 -35.35 17.25
C SER C 148 -18.16 -34.15 17.97
N LEU C 149 -18.32 -33.04 17.29
CA LEU C 149 -18.77 -31.82 17.94
C LEU C 149 -20.26 -31.94 18.20
N LYS C 150 -20.71 -33.10 18.62
CA LYS C 150 -22.12 -33.35 18.71
C LYS C 150 -22.75 -33.12 17.35
N PRO C 157 -14.03 -25.41 25.23
CA PRO C 157 -14.12 -24.34 24.22
C PRO C 157 -15.38 -24.43 23.35
N ASP C 158 -16.14 -23.33 23.33
CA ASP C 158 -17.38 -23.17 22.56
C ASP C 158 -17.05 -22.71 21.14
N LEU C 159 -16.38 -23.57 20.39
CA LEU C 159 -15.90 -23.25 19.07
C LEU C 159 -16.30 -24.32 18.07
N SER C 160 -16.54 -23.92 16.83
CA SER C 160 -16.82 -24.89 15.78
C SER C 160 -16.48 -24.29 14.41
N LEU C 161 -17.10 -24.83 13.35
CA LEU C 161 -16.70 -24.58 11.95
C LEU C 161 -17.85 -24.14 11.05
N GLN C 162 -17.52 -23.33 10.06
CA GLN C 162 -18.48 -22.75 9.13
C GLN C 162 -17.85 -22.56 7.78
N LEU C 163 -18.57 -22.89 6.72
CA LEU C 163 -18.20 -22.55 5.35
C LEU C 163 -19.08 -21.46 4.73
N ILE C 164 -18.48 -20.58 3.92
CA ILE C 164 -19.18 -19.56 3.17
C ILE C 164 -18.75 -19.61 1.72
N PHE C 165 -19.70 -19.70 0.80
CA PHE C 165 -19.46 -19.54 -0.63
C PHE C 165 -20.15 -18.26 -1.11
N PHE C 166 -19.38 -17.23 -1.44
CA PHE C 166 -19.88 -15.94 -1.85
C PHE C 166 -20.30 -15.92 -3.30
N ASP C 167 -21.40 -15.24 -3.58
CA ASP C 167 -21.76 -14.79 -4.91
C ASP C 167 -21.22 -13.38 -5.19
N GLY C 168 -21.15 -13.05 -6.49
CA GLY C 168 -20.82 -11.74 -7.02
C GLY C 168 -19.50 -11.09 -6.69
N GLU C 169 -18.42 -11.84 -6.66
CA GLU C 169 -17.16 -11.22 -6.32
C GLU C 169 -16.65 -10.37 -7.46
N GLU C 170 -16.76 -10.87 -8.69
CA GLU C 170 -16.15 -10.21 -9.81
C GLU C 170 -17.01 -9.01 -10.23
N ALA C 171 -16.38 -8.08 -10.91
CA ALA C 171 -17.09 -6.94 -11.47
C ALA C 171 -17.74 -7.27 -12.81
N PHE C 172 -18.84 -6.59 -13.10
CA PHE C 172 -19.53 -6.81 -14.36
C PHE C 172 -18.88 -6.11 -15.52
N LEU C 173 -18.30 -4.93 -15.29
CA LEU C 173 -17.87 -4.07 -16.38
C LEU C 173 -16.53 -3.39 -16.14
N HIS C 174 -16.36 -2.73 -15.00
CA HIS C 174 -15.09 -2.05 -14.68
C HIS C 174 -14.93 -2.08 -13.17
N TRP C 175 -13.84 -2.70 -12.69
CA TRP C 175 -13.64 -2.89 -11.27
C TRP C 175 -13.58 -1.56 -10.54
N SER C 176 -14.36 -1.46 -9.46
CA SER C 176 -14.61 -0.19 -8.80
C SER C 176 -15.17 -0.48 -7.42
N PRO C 177 -15.21 0.52 -6.54
CA PRO C 177 -15.84 0.32 -5.23
C PRO C 177 -17.30 0.01 -5.28
N GLN C 178 -17.97 0.31 -6.37
CA GLN C 178 -19.38 -0.06 -6.48
C GLN C 178 -19.63 -1.23 -7.44
N ASP C 179 -18.70 -1.56 -8.31
CA ASP C 179 -18.85 -2.67 -9.25
C ASP C 179 -17.78 -3.70 -8.93
N SER C 180 -17.89 -4.28 -7.75
CA SER C 180 -17.18 -5.46 -7.33
C SER C 180 -17.69 -5.77 -5.93
N LEU C 181 -17.40 -6.99 -5.50
CA LEU C 181 -17.62 -7.52 -4.15
C LEU C 181 -19.05 -7.33 -3.64
N TYR C 182 -20.00 -7.64 -4.47
CA TYR C 182 -21.39 -7.58 -4.07
C TYR C 182 -21.69 -8.43 -2.84
N GLY C 183 -21.43 -9.74 -2.93
CA GLY C 183 -21.92 -10.67 -1.91
C GLY C 183 -21.24 -10.58 -0.58
N SER C 184 -19.97 -10.22 -0.55
CA SER C 184 -19.32 -10.01 0.73
C SER C 184 -19.52 -8.60 1.32
N ARG C 185 -19.59 -7.53 0.52
CA ARG C 185 -20.00 -6.26 1.11
C ARG C 185 -21.36 -6.40 1.76
N HIS C 186 -22.24 -7.23 1.20
CA HIS C 186 -23.56 -7.42 1.76
C HIS C 186 -23.51 -8.17 3.06
N LEU C 187 -22.80 -9.29 3.09
CA LEU C 187 -22.95 -10.19 4.21
C LEU C 187 -22.21 -9.65 5.43
N ALA C 188 -21.08 -9.03 5.24
CA ALA C 188 -20.37 -8.43 6.37
C ALA C 188 -21.21 -7.36 7.10
N ALA C 189 -21.91 -6.50 6.37
CA ALA C 189 -22.75 -5.50 7.03
C ALA C 189 -23.91 -6.13 7.75
N LYS C 190 -24.50 -7.18 7.18
CA LYS C 190 -25.59 -7.86 7.87
C LYS C 190 -25.11 -8.50 9.14
N MET C 191 -23.91 -9.08 9.14
CA MET C 191 -23.45 -9.78 10.35
C MET C 191 -23.03 -8.78 11.42
N ALA C 192 -22.48 -7.63 11.04
CA ALA C 192 -22.18 -6.61 12.04
C ALA C 192 -23.41 -6.10 12.76
N SER C 193 -24.59 -6.24 12.20
CA SER C 193 -25.80 -5.72 12.82
C SER C 193 -26.65 -6.78 13.49
N THR C 194 -26.20 -8.04 13.53
CA THR C 194 -26.97 -9.11 14.13
C THR C 194 -26.39 -9.43 15.50
N PRO C 195 -27.14 -9.37 16.60
CA PRO C 195 -26.56 -9.74 17.90
C PRO C 195 -26.21 -11.22 17.95
N HIS C 196 -25.08 -11.52 18.58
CA HIS C 196 -24.64 -12.91 18.72
C HIS C 196 -23.90 -13.05 20.00
N PRO C 197 -24.28 -14.02 20.81
CA PRO C 197 -25.41 -14.92 20.72
C PRO C 197 -26.73 -14.25 21.04
N PRO C 198 -27.82 -14.95 20.75
CA PRO C 198 -29.16 -14.39 20.96
C PRO C 198 -29.42 -13.77 22.32
N GLY C 199 -30.03 -12.60 22.31
CA GLY C 199 -30.24 -11.86 23.51
C GLY C 199 -29.07 -11.03 23.91
N ALA C 200 -28.05 -10.96 23.09
CA ALA C 200 -26.89 -10.19 23.46
C ALA C 200 -27.17 -8.72 23.27
N ARG C 201 -26.52 -7.93 24.11
CA ARG C 201 -26.69 -6.49 24.14
C ARG C 201 -25.59 -5.74 23.43
N GLY C 202 -24.39 -6.32 23.32
CA GLY C 202 -23.26 -5.59 22.80
C GLY C 202 -22.36 -6.26 21.79
N THR C 203 -22.62 -7.52 21.40
CA THR C 203 -21.75 -8.35 20.55
C THR C 203 -22.48 -8.89 19.33
N SER C 204 -21.87 -8.76 18.17
CA SER C 204 -22.46 -9.20 16.93
C SER C 204 -21.83 -10.50 16.40
N GLN C 205 -22.40 -10.99 15.31
CA GLN C 205 -21.87 -12.19 14.65
C GLN C 205 -20.46 -11.99 14.12
N LEU C 206 -20.04 -10.78 13.86
CA LEU C 206 -18.67 -10.59 13.46
C LEU C 206 -17.73 -10.83 14.61
N HIS C 207 -18.12 -10.42 15.80
CA HIS C 207 -17.33 -10.77 16.96
C HIS C 207 -17.04 -12.28 17.04
N GLY C 208 -17.96 -13.10 16.54
CA GLY C 208 -17.82 -14.54 16.69
C GLY C 208 -16.82 -15.18 15.76
N MET C 209 -16.45 -14.52 14.69
CA MET C 209 -15.47 -15.03 13.74
C MET C 209 -14.07 -14.95 14.31
N ASP C 210 -13.52 -16.09 14.76
CA ASP C 210 -12.12 -16.22 15.18
C ASP C 210 -11.15 -15.75 14.09
N LEU C 211 -11.30 -16.29 12.90
CA LEU C 211 -10.38 -16.09 11.81
C LEU C 211 -11.09 -16.46 10.54
N LEU C 212 -10.88 -15.71 9.50
CA LEU C 212 -11.40 -16.01 8.19
C LEU C 212 -10.26 -16.43 7.25
N VAL C 213 -10.29 -17.68 6.78
CA VAL C 213 -9.33 -18.23 5.83
C VAL C 213 -9.94 -18.21 4.45
N LEU C 214 -9.38 -17.39 3.56
CA LEU C 214 -9.96 -17.08 2.27
C LEU C 214 -9.06 -17.61 1.16
N LEU C 215 -9.65 -18.48 0.33
CA LEU C 215 -8.96 -19.19 -0.72
C LEU C 215 -9.41 -18.62 -2.04
N ASP C 216 -8.45 -18.35 -2.91
CA ASP C 216 -8.75 -17.69 -4.18
C ASP C 216 -7.57 -17.95 -5.11
N LEU C 217 -7.88 -18.15 -6.39
CA LEU C 217 -6.90 -18.29 -7.47
C LEU C 217 -5.94 -19.45 -7.28
N ILE C 218 -6.43 -20.59 -6.81
CA ILE C 218 -5.57 -21.74 -6.54
C ILE C 218 -5.66 -22.78 -7.66
N GLY C 219 -4.57 -23.49 -7.93
CA GLY C 219 -4.60 -24.61 -8.87
C GLY C 219 -3.50 -24.63 -9.93
N ALA C 220 -2.59 -23.73 -9.84
CA ALA C 220 -1.54 -23.63 -10.83
C ALA C 220 -0.20 -24.07 -10.23
N PRO C 221 0.70 -24.62 -11.04
CA PRO C 221 1.98 -25.07 -10.50
C PRO C 221 2.79 -23.93 -9.88
N ASN C 222 3.58 -24.28 -8.90
CA ASN C 222 4.58 -23.39 -8.37
C ASN C 222 3.98 -22.10 -7.82
N PRO C 223 3.09 -22.16 -6.85
CA PRO C 223 2.58 -20.94 -6.26
C PRO C 223 3.38 -20.51 -5.04
N THR C 224 3.34 -19.22 -4.78
CA THR C 224 4.00 -18.64 -3.61
C THR C 224 3.03 -17.71 -2.87
N PHE C 225 2.84 -17.97 -1.57
CA PHE C 225 1.86 -17.25 -0.76
C PHE C 225 2.53 -16.31 0.22
N PRO C 226 2.26 -15.00 0.18
CA PRO C 226 2.75 -14.09 1.22
C PRO C 226 2.07 -14.26 2.57
N ASN C 227 2.80 -13.88 3.60
CA ASN C 227 2.28 -13.68 4.95
C ASN C 227 1.83 -12.22 5.05
N PHE C 228 0.52 -11.97 5.03
CA PHE C 228 0.02 -10.63 4.80
C PHE C 228 -0.16 -9.79 6.08
N PHE C 229 -0.48 -10.40 7.22
CA PHE C 229 -1.07 -9.61 8.29
C PHE C 229 -0.47 -9.92 9.64
N PRO C 230 -0.19 -8.89 10.45
CA PRO C 230 0.49 -9.10 11.72
C PRO C 230 -0.32 -9.82 12.75
N ASN C 231 -1.63 -9.70 12.72
CA ASN C 231 -2.40 -10.44 13.69
C ASN C 231 -2.76 -11.84 13.21
N SER C 232 -2.50 -12.17 11.96
CA SER C 232 -2.63 -13.53 11.51
C SER C 232 -1.28 -14.22 11.34
N ALA C 233 -0.18 -13.52 11.60
CA ALA C 233 1.15 -14.03 11.29
C ALA C 233 1.43 -15.37 11.94
N ARG C 234 0.94 -15.58 13.16
CA ARG C 234 1.29 -16.79 13.86
C ARG C 234 0.63 -18.05 13.28
N TRP C 235 -0.47 -17.92 12.55
CA TRP C 235 -1.03 -19.11 11.94
C TRP C 235 -0.48 -19.36 10.57
N PHE C 236 -0.01 -18.31 9.86
CA PHE C 236 0.77 -18.50 8.65
C PHE C 236 2.02 -19.32 8.92
N GLU C 237 2.59 -19.14 10.09
CA GLU C 237 3.76 -19.90 10.48
C GLU C 237 3.40 -21.36 10.72
N ARG C 238 2.29 -21.63 11.41
CA ARG C 238 1.82 -22.99 11.50
C ARG C 238 1.72 -23.63 10.11
N LEU C 239 1.26 -22.88 9.13
CA LEU C 239 1.21 -23.41 7.78
C LEU C 239 2.59 -23.84 7.32
N GLN C 240 3.58 -22.97 7.47
CA GLN C 240 4.92 -23.27 7.02
C GLN C 240 5.42 -24.56 7.63
N ALA C 241 5.10 -24.78 8.91
CA ALA C 241 5.61 -25.94 9.60
C ALA C 241 4.93 -27.21 9.13
N ILE C 242 3.63 -27.15 8.88
CA ILE C 242 2.94 -28.32 8.37
C ILE C 242 3.50 -28.69 7.01
N GLU C 243 3.77 -27.70 6.16
CA GLU C 243 4.36 -28.01 4.86
C GLU C 243 5.67 -28.73 5.03
N HIS C 244 6.35 -28.49 6.14
CA HIS C 244 7.72 -28.93 6.28
C HIS C 244 7.77 -30.35 6.78
N GLU C 245 7.12 -30.61 7.91
CA GLU C 245 7.14 -31.97 8.40
C GLU C 245 6.63 -32.94 7.32
N LEU C 246 5.65 -32.51 6.54
CA LEU C 246 5.09 -33.40 5.52
C LEU C 246 6.10 -33.76 4.48
N HIS C 247 6.86 -32.79 4.01
CA HIS C 247 7.90 -33.07 3.04
C HIS C 247 8.99 -33.91 3.65
N GLU C 248 9.29 -33.71 4.92
CA GLU C 248 10.31 -34.49 5.59
C GLU C 248 9.90 -35.94 5.77
N LEU C 249 8.62 -36.25 5.70
CA LEU C 249 8.16 -37.64 5.69
C LEU C 249 7.74 -38.08 4.31
N GLY C 250 8.07 -37.32 3.28
CA GLY C 250 7.61 -37.62 1.94
C GLY C 250 6.14 -37.99 1.93
N LEU C 251 5.28 -37.03 2.24
CA LEU C 251 3.86 -37.21 2.02
C LEU C 251 3.35 -36.33 0.91
N LEU C 252 4.25 -35.63 0.24
CA LEU C 252 3.92 -34.75 -0.87
C LEU C 252 4.55 -35.27 -2.14
N LYS C 253 4.07 -34.76 -3.27
CA LYS C 253 4.50 -35.25 -4.56
C LYS C 253 4.95 -34.12 -5.44
N ASP C 254 6.11 -34.30 -6.04
CA ASP C 254 6.68 -33.35 -6.99
C ASP C 254 6.96 -32.02 -6.30
N HIS C 255 7.45 -32.09 -5.06
CA HIS C 255 7.57 -30.91 -4.21
C HIS C 255 8.98 -30.80 -3.62
N SER C 256 9.68 -29.73 -3.96
CA SER C 256 11.01 -29.47 -3.43
C SER C 256 10.97 -28.40 -2.33
N LEU C 257 11.87 -28.56 -1.37
CA LEU C 257 11.96 -27.63 -0.27
C LEU C 257 12.54 -26.28 -0.69
N GLU C 258 13.04 -26.16 -1.90
CA GLU C 258 13.43 -24.86 -2.43
C GLU C 258 12.33 -24.22 -3.25
N GLY C 259 11.20 -24.89 -3.41
CA GLY C 259 10.05 -24.30 -4.06
C GLY C 259 8.81 -24.35 -3.21
N ARG C 260 9.02 -24.16 -1.91
CA ARG C 260 7.93 -24.24 -0.95
C ARG C 260 6.85 -23.23 -1.30
N TYR C 261 5.64 -23.54 -0.87
CA TYR C 261 4.52 -22.67 -1.13
C TYR C 261 4.49 -21.49 -0.16
N PHE C 262 4.87 -21.74 1.09
CA PHE C 262 4.72 -20.79 2.18
C PHE C 262 6.06 -20.20 2.60
N GLN C 263 6.60 -19.32 1.77
CA GLN C 263 7.86 -18.62 2.08
C GLN C 263 7.62 -17.48 3.04
N ASN C 264 8.44 -17.37 4.08
CA ASN C 264 8.25 -16.27 5.02
C ASN C 264 8.86 -15.04 4.38
N TYR C 265 8.00 -14.28 3.72
CA TYR C 265 8.37 -13.05 3.06
C TYR C 265 7.11 -12.19 2.98
N SER C 266 7.29 -10.89 3.13
CA SER C 266 6.20 -9.99 3.51
C SER C 266 5.47 -9.45 2.28
N TYR C 267 4.77 -8.34 2.45
CA TYR C 267 4.15 -7.67 1.31
C TYR C 267 3.91 -6.20 1.62
N GLY C 268 2.69 -5.82 1.98
CA GLY C 268 2.39 -4.44 2.33
C GLY C 268 1.35 -3.85 1.39
N GLY C 269 1.47 -4.16 0.10
CA GLY C 269 0.56 -3.65 -0.90
C GLY C 269 -0.62 -4.57 -1.11
N VAL C 270 -1.68 -4.32 -0.35
CA VAL C 270 -2.75 -5.30 -0.20
C VAL C 270 -3.47 -5.50 -1.52
N ILE C 271 -4.31 -6.50 -1.56
CA ILE C 271 -5.17 -6.79 -2.68
C ILE C 271 -6.61 -6.53 -2.29
N GLN C 272 -7.40 -6.10 -3.26
CA GLN C 272 -8.85 -6.06 -3.11
C GLN C 272 -9.45 -7.45 -3.30
N ASP C 273 -10.19 -7.92 -2.31
CA ASP C 273 -10.85 -9.23 -2.38
C ASP C 273 -11.87 -9.32 -1.25
N ASP C 274 -12.63 -10.41 -1.23
CA ASP C 274 -13.76 -10.59 -0.33
C ASP C 274 -13.42 -10.49 1.17
N HIS C 275 -12.16 -10.37 1.54
CA HIS C 275 -11.82 -10.13 2.93
C HIS C 275 -11.89 -8.64 3.32
N ILE C 276 -11.89 -7.73 2.37
CA ILE C 276 -11.84 -6.32 2.72
C ILE C 276 -13.03 -5.87 3.55
N PRO C 277 -14.26 -6.22 3.22
CA PRO C 277 -15.37 -5.83 4.10
C PRO C 277 -15.20 -6.29 5.53
N PHE C 278 -14.64 -7.46 5.77
CA PHE C 278 -14.55 -7.98 7.10
C PHE C 278 -13.32 -7.49 7.82
N LEU C 279 -12.26 -7.31 7.08
CA LEU C 279 -11.03 -6.75 7.64
C LEU C 279 -11.25 -5.32 8.11
N ARG C 280 -11.91 -4.50 7.31
CA ARG C 280 -12.18 -3.12 7.69
C ARG C 280 -12.93 -3.03 8.99
N ARG C 281 -13.62 -4.10 9.38
CA ARG C 281 -14.36 -4.17 10.63
C ARG C 281 -13.65 -4.97 11.70
N GLY C 282 -12.36 -5.26 11.52
CA GLY C 282 -11.55 -5.83 12.57
C GLY C 282 -11.36 -7.35 12.56
N VAL C 283 -11.96 -8.08 11.63
CA VAL C 283 -11.83 -9.55 11.65
C VAL C 283 -10.42 -9.96 11.27
N PRO C 284 -9.81 -10.90 11.98
CA PRO C 284 -8.51 -11.44 11.56
C PRO C 284 -8.60 -12.31 10.31
N VAL C 285 -7.71 -12.09 9.37
CA VAL C 285 -7.78 -12.70 8.07
C VAL C 285 -6.48 -13.44 7.82
N LEU C 286 -6.58 -14.65 7.29
CA LEU C 286 -5.48 -15.40 6.67
C LEU C 286 -5.80 -15.60 5.19
N HIS C 287 -5.12 -14.88 4.32
CA HIS C 287 -5.54 -14.71 2.92
C HIS C 287 -4.68 -15.58 2.02
N LEU C 288 -5.25 -16.72 1.58
CA LEU C 288 -4.55 -17.76 0.82
C LEU C 288 -4.72 -17.52 -0.68
N ILE C 289 -4.01 -16.50 -1.12
CA ILE C 289 -4.00 -16.08 -2.51
C ILE C 289 -2.51 -15.95 -2.85
N PRO C 290 -2.06 -16.28 -4.06
CA PRO C 290 -0.62 -16.24 -4.36
C PRO C 290 -0.15 -14.95 -4.98
N SER C 291 1.12 -14.65 -4.72
CA SER C 291 1.81 -13.57 -5.39
C SER C 291 2.95 -14.14 -6.20
N PRO C 292 2.84 -14.08 -7.53
CA PRO C 292 1.85 -13.51 -8.43
C PRO C 292 0.75 -14.43 -8.92
N PHE C 293 -0.18 -13.86 -9.67
CA PHE C 293 -1.35 -14.59 -10.12
C PHE C 293 -0.99 -15.60 -11.20
N PRO C 294 -1.66 -16.74 -11.23
CA PRO C 294 -1.48 -17.66 -12.37
C PRO C 294 -1.34 -16.91 -13.68
N GLU C 295 -0.67 -17.52 -14.65
CA GLU C 295 -0.41 -16.82 -15.90
C GLU C 295 -1.66 -16.70 -16.75
N VAL C 296 -2.69 -17.49 -16.47
CA VAL C 296 -3.90 -17.48 -17.29
C VAL C 296 -4.98 -16.62 -16.71
N TRP C 297 -4.72 -15.99 -15.57
CA TRP C 297 -5.66 -15.12 -14.91
C TRP C 297 -6.52 -14.38 -15.91
N HIS C 298 -7.81 -14.65 -15.84
CA HIS C 298 -8.79 -13.94 -16.63
C HIS C 298 -8.52 -14.10 -18.13
N THR C 299 -8.12 -15.31 -18.54
CA THR C 299 -8.09 -15.73 -19.93
C THR C 299 -8.89 -17.02 -20.14
N MET C 300 -9.36 -17.21 -21.36
CA MET C 300 -10.08 -18.43 -21.71
C MET C 300 -9.26 -19.68 -21.44
N ASP C 301 -7.95 -19.54 -21.29
CA ASP C 301 -7.07 -20.63 -20.93
C ASP C 301 -7.04 -20.92 -19.44
N ASP C 302 -7.79 -20.21 -18.60
CA ASP C 302 -7.85 -20.66 -17.20
C ASP C 302 -8.89 -21.74 -17.09
N ASN C 303 -8.42 -22.99 -17.12
CA ASN C 303 -9.22 -24.15 -17.50
C ASN C 303 -8.66 -25.41 -16.88
N GLU C 304 -9.38 -26.51 -17.15
CA GLU C 304 -9.06 -27.82 -16.56
C GLU C 304 -7.71 -28.35 -17.01
N GLU C 305 -7.35 -28.17 -18.26
CA GLU C 305 -6.14 -28.84 -18.68
C GLU C 305 -4.90 -28.13 -18.21
N ASN C 306 -5.05 -27.01 -17.51
CA ASN C 306 -3.90 -26.25 -17.02
C ASN C 306 -3.74 -26.32 -15.53
N LEU C 307 -4.45 -27.19 -14.85
CA LEU C 307 -4.27 -27.38 -13.43
C LEU C 307 -3.19 -28.42 -13.21
N ASP C 308 -2.48 -28.29 -12.10
CA ASP C 308 -1.50 -29.30 -11.73
C ASP C 308 -2.10 -30.11 -10.62
N GLU C 309 -2.54 -31.31 -10.96
CA GLU C 309 -3.04 -32.31 -10.06
C GLU C 309 -2.22 -32.37 -8.79
N SER C 310 -0.91 -32.27 -8.88
CA SER C 310 -0.10 -32.56 -7.71
C SER C 310 -0.10 -31.40 -6.75
N THR C 311 0.04 -30.18 -7.25
CA THR C 311 0.03 -29.04 -6.36
C THR C 311 -1.28 -28.97 -5.58
N ILE C 312 -2.42 -29.17 -6.27
CA ILE C 312 -3.71 -29.19 -5.59
C ILE C 312 -3.73 -30.25 -4.52
N ASP C 313 -3.29 -31.45 -4.87
CA ASP C 313 -3.30 -32.57 -3.95
C ASP C 313 -2.49 -32.25 -2.68
N ASN C 314 -1.34 -31.61 -2.85
CA ASN C 314 -0.53 -31.30 -1.67
C ASN C 314 -1.25 -30.34 -0.74
N LEU C 315 -2.06 -29.43 -1.30
CA LEU C 315 -2.62 -28.40 -0.45
C LEU C 315 -3.81 -28.91 0.33
N ASN C 316 -4.61 -29.78 -0.28
CA ASN C 316 -5.67 -30.43 0.47
C ASN C 316 -5.14 -31.00 1.75
N LYS C 317 -3.91 -31.48 1.72
CA LYS C 317 -3.37 -32.17 2.88
C LYS C 317 -2.97 -31.17 3.95
N ILE C 318 -2.31 -30.10 3.55
CA ILE C 318 -1.95 -29.05 4.49
C ILE C 318 -3.18 -28.41 5.12
N LEU C 319 -4.19 -28.10 4.33
CA LEU C 319 -5.38 -27.42 4.87
C LEU C 319 -6.11 -28.27 5.86
N GLN C 320 -6.35 -29.53 5.49
CA GLN C 320 -7.03 -30.48 6.35
C GLN C 320 -6.32 -30.63 7.67
N VAL C 321 -5.00 -30.68 7.67
CA VAL C 321 -4.26 -30.74 8.93
C VAL C 321 -4.50 -29.50 9.77
N PHE C 322 -4.29 -28.32 9.19
CA PHE C 322 -4.49 -27.08 9.92
C PHE C 322 -5.84 -27.03 10.61
N VAL C 323 -6.91 -27.33 9.88
CA VAL C 323 -8.24 -27.25 10.45
C VAL C 323 -8.36 -28.18 11.65
N LEU C 324 -7.95 -29.44 11.49
CA LEU C 324 -8.04 -30.37 12.61
C LEU C 324 -7.24 -29.85 13.79
N GLU C 325 -6.05 -29.33 13.51
CA GLU C 325 -5.23 -28.81 14.58
C GLU C 325 -5.90 -27.64 15.28
N TYR C 326 -6.59 -26.79 14.53
CA TYR C 326 -7.21 -25.62 15.14
C TYR C 326 -8.37 -26.00 16.03
N LEU C 327 -9.12 -27.01 15.65
CA LEU C 327 -10.28 -27.43 16.40
C LEU C 327 -9.96 -28.47 17.46
N HIS C 328 -8.71 -28.95 17.53
CA HIS C 328 -8.34 -29.94 18.55
C HIS C 328 -9.04 -31.25 18.32
N LEU C 329 -9.11 -31.67 17.07
CA LEU C 329 -9.85 -32.86 16.75
C LEU C 329 -8.92 -33.96 16.38
#